data_2EC9
#
_entry.id   2EC9
#
_cell.length_a   69.780
_cell.length_b   81.410
_cell.length_c   125.350
_cell.angle_alpha   90.00
_cell.angle_beta   90.00
_cell.angle_gamma   90.00
#
_symmetry.space_group_name_H-M   'P 21 21 21'
#
loop_
_entity.id
_entity.type
_entity.pdbx_description
1 polymer 'Coagulation factor VII'
2 polymer 'Coagulation factor VII'
3 polymer 'Tissue factor'
4 polymer 'Tissue factor'
5 non-polymer 1,5-anhydro-D-glucitol
6 non-polymer alpha-L-fucopyranose
7 non-polymer 'CALCIUM ION'
8 non-polymer "2'-((5-CARBAMIMIDOYLPYRIDIN-2-YLAMINO)METHYL)-4-(ISOBUTYLCARBAMOYL)-4'-VINYLBIPHENYL-2-CARBOXYLIC ACID"
9 water water
#
loop_
_entity_poly.entity_id
_entity_poly.type
_entity_poly.pdbx_seq_one_letter_code
_entity_poly.pdbx_strand_id
1 'polypeptide(L)'
;ANAFL(CGU)(CGU)LRPGSL(CGU)R(CGU)CK(CGU)(CGU)QCSF(CGU)(CGU)AR(CGU)IFKDA(CGU)RTKLF
WISYSDGDQCASSPCQNGGSCKDQLQSYICFCLPAFEGRNCETHKDDQLICVNENGGCEQYCSDHTGTKRSCRCHEGYSL
LADGVSCTPTVEYPCGKIPILE
;
L
2 'polypeptide(L)'
;IVGGKVCPKGECPWQVLLLVNGAQLCGGTLINTIWVVSAAHCFDKIKNWRNLIAVLGEHDLSEHDGDEQSRRVAQVIIPS
TYVPGTTNHDIALLRLHQPVVLTDHVVPLCLPERTFSERTLAFVRFSLVSGWGQLLDRGATALELMVLNVPRLMTQDCLQ
QSRKVGDSPNITEYMFCAGYSDGSKDSCKGDSGGPHATHYRGTWYLTGIVSWGQGCATVGHFGVYTRVSQYIEWLQKLMR
SEPRPGVLLRAPFP
;
H
3 'polypeptide(L)' TVAAYNLTWKSTNFKTILEWEPKPVNQVYTVQISTKSGDWKSKCFYTTDTECDLTDEIVKDVKQTYLARVFSYPA T
4 'polypeptide(L)'
;EPLYENSPEFTPYLETNLGQPTIQSFEQVGTKVNVTVEDERTLVRRNNTFLSLRDVFGKDLIYTLYYWKSSSSGKKTAKT
NTNEFLIDVDKGENYCFSVQAVIPSRTVNRKSTDSPVECM
;
U
#
loop_
_chem_comp.id
_chem_comp.type
_chem_comp.name
_chem_comp.formula
24X non-polymer '2'-((5-CARBAMIMIDOYLPYRIDIN-2-YLAMINO)METHYL)-4-(ISOBUTYLCARBAMOYL)-4'-VINYLBIPHENYL-2-CARBOXYLIC ACID' 'C27 H29 N5 O3'
ASO D-saccharide 1,5-anhydro-D-glucitol 'C6 H12 O5'
CA non-polymer 'CALCIUM ION' 'Ca 2'
FUC L-saccharide, alpha linking alpha-L-fucopyranose 'C6 H12 O5'
#
# COMPACT_ATOMS: atom_id res chain seq x y z
N ALA A 1 7.71 34.64 40.50
CA ALA A 1 6.93 34.76 41.78
C ALA A 1 7.54 35.84 42.68
N ASN A 2 6.69 36.61 43.36
CA ASN A 2 7.18 37.65 44.23
C ASN A 2 6.43 37.73 45.56
N ALA A 3 7.19 37.77 46.65
CA ALA A 3 6.65 37.84 48.00
C ALA A 3 7.48 38.83 48.81
N PHE A 4 7.09 40.10 48.76
CA PHE A 4 7.77 41.17 49.48
C PHE A 4 9.06 40.75 50.19
N LEU A 5 10.17 41.35 49.78
CA LEU A 5 11.48 41.07 50.37
C LEU A 5 12.32 40.14 49.49
N CGU A 6 11.61 39.41 48.57
CA CGU A 6 12.19 39.00 47.29
C CGU A 6 11.95 39.94 46.11
O CGU A 6 12.60 39.74 45.08
CB CGU A 6 11.77 37.55 47.01
CG CGU A 6 12.74 36.81 46.08
CD1 CGU A 6 12.01 36.14 44.85
CD2 CGU A 6 13.73 35.91 46.87
OE11 CGU A 6 12.93 35.67 43.88
OE12 CGU A 6 11.03 36.90 44.16
OE21 CGU A 6 14.82 35.47 46.10
OE22 CGU A 6 14.25 36.45 48.06
N CGU A 7 11.05 40.95 46.25
CA CGU A 7 11.03 42.09 45.31
C CGU A 7 12.35 42.86 45.19
O CGU A 7 12.80 43.21 44.10
CB CGU A 7 9.82 43.08 45.51
CG CGU A 7 9.58 44.30 44.52
CD1 CGU A 7 9.25 43.92 43.03
CD2 CGU A 7 8.61 45.47 44.99
OE11 CGU A 7 7.88 43.72 42.73
OE12 CGU A 7 10.11 42.94 42.45
OE21 CGU A 7 7.26 45.12 45.28
OE22 CGU A 7 9.05 46.34 46.02
N LEU A 8 13.00 43.13 46.40
CA LEU A 8 14.25 43.89 46.35
C LEU A 8 15.22 43.27 45.37
N ARG A 9 15.19 41.94 45.27
CA ARG A 9 16.06 41.22 44.36
C ARG A 9 15.92 41.82 42.98
N PRO A 10 17.04 42.07 42.30
CA PRO A 10 17.01 42.66 40.95
C PRO A 10 16.52 41.64 39.92
N GLY A 11 15.92 42.12 38.85
CA GLY A 11 15.42 41.24 37.81
C GLY A 11 16.29 40.02 37.59
N SER A 12 15.66 38.89 37.25
CA SER A 12 16.38 37.64 37.02
C SER A 12 15.52 36.61 36.30
N LEU A 13 15.86 36.32 35.05
CA LEU A 13 15.11 35.34 34.27
C LEU A 13 15.17 33.97 34.93
N CGU A 14 16.47 33.55 35.23
CA CGU A 14 16.78 32.43 36.12
C CGU A 14 15.88 32.35 37.35
O CGU A 14 15.24 31.35 37.66
CB CGU A 14 18.29 32.36 36.45
CG CGU A 14 18.63 30.99 37.07
CD1 CGU A 14 20.10 30.70 37.52
CD2 CGU A 14 17.94 29.87 36.31
OE11 CGU A 14 20.64 29.48 37.07
OE12 CGU A 14 20.17 30.66 38.92
OE21 CGU A 14 18.56 29.63 35.07
OE22 CGU A 14 17.84 28.74 37.13
N ARG A 15 15.81 33.51 38.09
CA ARG A 15 15.14 33.58 39.38
C ARG A 15 13.65 33.26 39.26
N CGU A 16 12.74 34.32 39.24
CA CGU A 16 12.03 34.75 38.05
C CGU A 16 11.08 33.71 37.47
O CGU A 16 9.95 33.48 37.88
CB CGU A 16 11.29 36.08 38.25
CG CGU A 16 12.03 37.18 39.04
CD1 CGU A 16 11.53 37.25 40.51
CD2 CGU A 16 11.99 38.57 38.39
OE11 CGU A 16 10.27 36.69 40.76
OE12 CGU A 16 12.46 36.74 41.42
OE21 CGU A 16 13.01 38.85 37.46
OE22 CGU A 16 10.78 38.78 37.73
N CYS A 17 11.65 33.07 36.41
CA CYS A 17 10.83 32.27 35.51
C CYS A 17 11.24 30.79 35.58
N LYS A 18 12.54 30.55 35.61
CA LYS A 18 13.05 29.18 35.67
C LYS A 18 12.87 28.53 37.04
N CGU A 19 13.78 28.73 38.09
CA CGU A 19 13.45 29.32 39.41
C CGU A 19 12.04 29.15 39.96
O CGU A 19 11.56 28.04 40.20
CB CGU A 19 14.43 28.79 40.45
CG CGU A 19 15.87 29.00 39.98
CD1 CGU A 19 16.63 27.69 39.79
CD2 CGU A 19 16.66 30.10 40.70
OE11 CGU A 19 16.91 27.00 40.99
OE12 CGU A 19 15.99 26.89 38.83
OE21 CGU A 19 17.74 30.44 39.88
OE22 CGU A 19 17.20 29.70 41.93
N CGU A 20 11.38 30.32 40.19
CA CGU A 20 9.92 30.32 40.31
C CGU A 20 9.23 30.32 38.96
O CGU A 20 9.87 30.19 37.93
CB CGU A 20 9.45 31.56 41.08
CG CGU A 20 9.83 31.70 42.59
CD1 CGU A 20 10.09 30.44 43.42
CD2 CGU A 20 10.61 32.93 43.06
OE11 CGU A 20 11.47 30.15 43.41
OE12 CGU A 20 9.72 30.64 44.76
OE21 CGU A 20 9.80 33.69 43.93
OE22 CGU A 20 11.11 33.73 42.01
N GLN A 21 7.85 30.49 38.94
CA GLN A 21 7.19 30.65 37.65
C GLN A 21 6.83 32.12 37.47
N CYS A 22 7.00 32.64 36.26
CA CYS A 22 6.69 34.04 36.02
C CYS A 22 5.52 34.29 35.07
N SER A 23 5.12 35.55 34.98
CA SER A 23 4.01 35.97 34.13
C SER A 23 4.57 36.62 32.86
N PHE A 24 3.71 36.85 31.88
CA PHE A 24 4.17 37.46 30.65
C PHE A 24 4.83 38.81 30.93
N CGU A 25 4.09 39.77 31.64
CA CGU A 25 4.65 40.99 32.22
C CGU A 25 6.00 40.81 32.88
O CGU A 25 6.89 41.62 32.71
CB CGU A 25 3.69 41.66 33.24
CG CGU A 25 4.19 42.97 33.89
CD1 CGU A 25 4.08 42.95 35.46
CD2 CGU A 25 3.54 44.16 33.17
OE11 CGU A 25 4.82 41.89 36.04
OE12 CGU A 25 4.36 44.14 36.18
OE21 CGU A 25 4.07 44.18 31.86
OE22 CGU A 25 3.77 45.40 33.79
N CGU A 26 6.11 39.72 33.66
CA CGU A 26 7.42 39.48 34.25
C CGU A 26 8.52 39.17 33.26
O CGU A 26 9.63 39.68 33.38
CB CGU A 26 7.42 38.47 35.40
CG CGU A 26 6.65 38.92 36.64
CD1 CGU A 26 7.17 40.26 37.21
CD2 CGU A 26 6.63 37.83 37.70
OE11 CGU A 26 8.47 40.17 37.68
OE12 CGU A 26 6.40 40.67 38.30
OE21 CGU A 26 7.91 37.37 38.07
OE22 CGU A 26 5.82 36.77 37.26
N ALA A 27 8.22 38.33 32.22
CA ALA A 27 9.17 38.21 31.12
C ALA A 27 9.34 39.56 30.40
N ARG A 28 8.25 40.31 30.35
CA ARG A 28 8.23 41.62 29.70
C ARG A 28 9.49 42.40 30.08
N CGU A 29 9.48 43.27 31.19
CA CGU A 29 9.73 42.94 32.60
C CGU A 29 10.96 42.05 32.81
O CGU A 29 11.34 41.74 33.94
CB CGU A 29 9.77 44.23 33.48
CG CGU A 29 9.93 44.18 35.06
CD1 CGU A 29 10.66 45.39 35.74
CD2 CGU A 29 9.11 43.21 35.99
OE11 CGU A 29 9.84 46.17 36.57
OE12 CGU A 29 11.81 45.03 36.48
OE21 CGU A 29 9.87 42.67 37.04
OE22 CGU A 29 7.94 43.76 36.54
N ILE A 30 11.64 41.61 31.65
CA ILE A 30 13.05 41.22 31.65
C ILE A 30 13.67 41.36 30.26
N PHE A 31 12.94 40.94 29.24
CA PHE A 31 13.42 41.02 27.86
C PHE A 31 13.24 42.38 27.20
N LYS A 32 12.20 43.12 27.60
CA LYS A 32 11.91 44.44 27.05
C LYS A 32 11.28 44.34 25.66
N ASP A 33 12.00 43.73 24.72
CA ASP A 33 11.49 43.56 23.36
C ASP A 33 10.21 42.75 23.37
N ALA A 34 9.30 43.08 22.48
CA ALA A 34 8.02 42.37 22.38
C ALA A 34 8.28 40.94 21.90
N CGU A 35 8.29 40.68 20.54
CA CGU A 35 9.37 40.02 19.81
C CGU A 35 10.09 38.94 20.60
O CGU A 35 9.72 37.77 20.62
CB CGU A 35 10.42 41.01 19.29
CG CGU A 35 9.92 42.36 18.72
CD1 CGU A 35 11.11 43.30 18.40
CD2 CGU A 35 8.84 42.25 17.60
OE11 CGU A 35 10.79 44.46 17.66
OE12 CGU A 35 11.68 43.70 19.63
OE21 CGU A 35 9.33 41.91 16.32
OE22 CGU A 35 8.04 43.43 17.60
N ARG A 36 11.18 39.44 21.30
CA ARG A 36 12.05 38.64 22.17
C ARG A 36 11.26 37.99 23.30
N THR A 37 10.30 38.72 23.87
CA THR A 37 9.49 38.20 24.96
C THR A 37 8.64 37.02 24.47
N LYS A 38 7.86 37.24 23.42
CA LYS A 38 7.00 36.20 22.87
C LYS A 38 7.87 35.00 22.54
N LEU A 39 8.98 35.25 21.85
CA LEU A 39 9.91 34.19 21.47
C LEU A 39 10.12 33.24 22.66
N PHE A 40 10.43 33.83 23.81
CA PHE A 40 10.65 33.06 25.02
C PHE A 40 9.34 32.46 25.51
N TRP A 41 8.33 33.30 25.64
CA TRP A 41 7.02 32.88 26.11
C TRP A 41 6.35 31.80 25.26
N ILE A 42 6.76 31.67 24.00
CA ILE A 42 6.19 30.67 23.11
C ILE A 42 6.29 29.27 23.72
N SER A 43 7.49 28.88 24.10
CA SER A 43 7.71 27.56 24.69
C SER A 43 7.41 27.52 26.17
N TYR A 44 7.96 28.47 26.91
CA TYR A 44 7.77 28.57 28.35
C TYR A 44 6.36 28.33 28.85
N SER A 45 5.37 28.96 28.20
CA SER A 45 3.98 28.82 28.60
C SER A 45 3.15 27.80 27.81
N ASP A 46 3.81 26.97 27.02
CA ASP A 46 3.08 25.97 26.23
C ASP A 46 2.75 24.72 27.05
N GLY A 47 3.54 24.46 28.08
CA GLY A 47 3.32 23.29 28.92
C GLY A 47 4.05 22.06 28.43
N ASP A 48 4.24 21.08 29.31
CA ASP A 48 4.93 19.86 28.92
C ASP A 48 3.91 18.72 28.80
N GLN A 49 3.38 18.55 27.59
CA GLN A 49 2.39 17.51 27.34
C GLN A 49 2.90 16.11 27.69
N CYS A 50 4.19 16.00 28.01
CA CYS A 50 4.79 14.73 28.37
C CYS A 50 4.67 14.45 29.87
N ALA A 51 4.25 15.46 30.63
CA ALA A 51 4.09 15.32 32.07
C ALA A 51 3.14 14.18 32.42
N SER A 52 2.17 13.93 31.55
CA SER A 52 1.20 12.87 31.77
C SER A 52 1.76 11.52 31.33
N SER A 53 3.05 11.47 31.05
CA SER A 53 3.68 10.22 30.63
C SER A 53 2.72 9.41 29.76
N PRO A 54 2.38 9.93 28.58
CA PRO A 54 1.46 9.32 27.61
C PRO A 54 2.01 8.12 26.85
N CYS A 55 3.32 8.06 26.69
CA CYS A 55 3.93 6.95 25.96
C CYS A 55 3.95 5.69 26.82
N GLN A 56 3.28 4.65 26.33
CA GLN A 56 3.18 3.37 27.01
C GLN A 56 4.24 2.35 26.64
N ASN A 57 4.19 1.21 27.31
CA ASN A 57 5.10 0.10 27.09
C ASN A 57 6.57 0.50 26.92
N GLY A 58 7.10 1.22 27.89
CA GLY A 58 8.50 1.62 27.84
C GLY A 58 8.85 2.60 26.75
N GLY A 59 7.87 3.42 26.35
CA GLY A 59 8.12 4.40 25.31
C GLY A 59 8.73 5.67 25.86
N SER A 60 9.28 6.49 24.98
CA SER A 60 9.88 7.76 25.39
C SER A 60 9.14 8.93 24.79
N CYS A 61 8.84 9.91 25.64
CA CYS A 61 8.12 11.10 25.22
C CYS A 61 9.05 12.29 24.93
N LYS A 62 8.67 13.07 23.92
CA LYS A 62 9.42 14.24 23.50
C LYS A 62 8.42 15.35 23.27
N ASP A 63 8.47 16.36 24.13
CA ASP A 63 7.57 17.50 24.06
C ASP A 63 7.66 18.30 22.77
N GLN A 64 6.54 18.90 22.38
CA GLN A 64 6.43 19.71 21.17
C GLN A 64 5.46 20.84 21.52
N LEU A 65 5.11 21.69 20.57
CA LEU A 65 4.19 22.78 20.87
C LEU A 65 2.75 22.29 20.87
N GLN A 66 2.17 22.19 22.06
CA GLN A 66 0.79 21.74 22.21
C GLN A 66 0.63 20.25 21.91
N SER A 67 1.76 19.53 21.83
CA SER A 67 1.69 18.11 21.54
C SER A 67 2.96 17.41 21.99
N TYR A 68 3.12 16.16 21.59
CA TYR A 68 4.28 15.39 21.94
C TYR A 68 4.48 14.30 20.91
N ILE A 69 5.60 13.59 21.04
CA ILE A 69 5.95 12.51 20.13
C ILE A 69 6.44 11.35 20.96
N CYS A 70 5.92 10.15 20.68
CA CYS A 70 6.33 8.96 21.41
C CYS A 70 7.26 8.11 20.57
N PHE A 71 8.39 7.74 21.17
CA PHE A 71 9.37 6.90 20.49
C PHE A 71 9.17 5.53 21.12
N CYS A 72 8.58 4.62 20.35
CA CYS A 72 8.31 3.27 20.84
C CYS A 72 9.38 2.22 20.69
N LEU A 73 9.31 1.20 21.55
CA LEU A 73 10.25 0.10 21.52
C LEU A 73 9.79 -0.69 20.30
N PRO A 74 10.72 -1.40 19.64
CA PRO A 74 10.48 -2.20 18.45
C PRO A 74 9.16 -2.97 18.34
N ALA A 75 8.72 -3.57 19.45
CA ALA A 75 7.48 -4.34 19.45
C ALA A 75 6.20 -3.54 19.65
N PHE A 76 6.29 -2.22 19.50
CA PHE A 76 5.08 -1.42 19.68
C PHE A 76 5.02 -0.26 18.71
N GLU A 77 3.81 0.27 18.54
CA GLU A 77 3.57 1.40 17.65
C GLU A 77 2.29 2.07 18.13
N GLY A 78 1.89 3.14 17.45
CA GLY A 78 0.70 3.87 17.84
C GLY A 78 1.14 5.20 18.45
N ARG A 79 0.24 6.18 18.42
CA ARG A 79 0.49 7.50 18.98
C ARG A 79 1.13 7.40 20.35
N ASN A 80 0.64 6.48 21.17
CA ASN A 80 1.17 6.29 22.53
C ASN A 80 1.81 4.93 22.77
N CYS A 81 2.24 4.27 21.70
CA CYS A 81 2.87 2.95 21.81
C CYS A 81 1.95 1.94 22.48
N GLU A 82 0.64 2.14 22.35
CA GLU A 82 -0.34 1.24 22.95
C GLU A 82 -0.50 -0.07 22.17
N THR A 83 -0.24 -0.01 20.88
CA THR A 83 -0.36 -1.18 20.01
C THR A 83 0.74 -2.23 20.13
N HIS A 84 0.36 -3.44 20.50
CA HIS A 84 1.33 -4.53 20.63
C HIS A 84 1.43 -5.20 19.27
N LYS A 85 2.58 -5.10 18.62
CA LYS A 85 2.75 -5.73 17.31
C LYS A 85 2.57 -7.24 17.40
N ASP A 86 2.84 -7.82 18.57
CA ASP A 86 2.70 -9.26 18.77
C ASP A 86 1.25 -9.74 18.78
N ASP A 87 0.32 -8.83 18.97
CA ASP A 87 -1.10 -9.20 19.01
C ASP A 87 -1.77 -8.96 17.66
N GLN A 88 -0.96 -8.76 16.62
CA GLN A 88 -1.51 -8.52 15.28
C GLN A 88 -1.38 -9.68 14.31
N LEU A 89 -1.16 -10.89 14.82
CA LEU A 89 -1.03 -12.04 13.93
C LEU A 89 -2.37 -12.54 13.41
N ILE A 90 -2.99 -11.75 12.54
CA ILE A 90 -4.27 -12.12 11.98
C ILE A 90 -4.13 -12.21 10.46
N CYS A 91 -5.02 -12.95 9.82
CA CYS A 91 -4.97 -13.11 8.36
C CYS A 91 -5.02 -11.84 7.53
N VAL A 92 -5.71 -10.81 8.01
CA VAL A 92 -5.79 -9.56 7.25
C VAL A 92 -4.46 -8.82 7.31
N ASN A 93 -3.60 -9.20 8.26
CA ASN A 93 -2.31 -8.55 8.38
C ASN A 93 -1.26 -9.33 7.60
N GLU A 94 -1.01 -8.89 6.37
CA GLU A 94 -0.03 -9.54 5.51
C GLU A 94 -0.23 -11.04 5.47
N ASN A 95 -1.49 -11.44 5.28
CA ASN A 95 -1.85 -12.86 5.21
C ASN A 95 -1.42 -13.65 6.45
N GLY A 96 -1.25 -12.97 7.57
CA GLY A 96 -0.84 -13.64 8.78
C GLY A 96 0.53 -14.31 8.66
N GLY A 97 1.37 -13.80 7.77
CA GLY A 97 2.68 -14.40 7.60
C GLY A 97 2.61 -15.75 6.92
N CYS A 98 1.42 -16.14 6.47
CA CYS A 98 1.28 -17.43 5.80
C CYS A 98 1.78 -17.31 4.36
N GLU A 99 2.39 -18.37 3.84
CA GLU A 99 2.90 -18.34 2.48
C GLU A 99 1.75 -18.45 1.47
N GLN A 100 0.78 -19.29 1.78
CA GLN A 100 -0.35 -19.47 0.89
C GLN A 100 -1.67 -19.13 1.59
N TYR A 101 -2.34 -20.13 2.16
CA TYR A 101 -3.60 -19.86 2.83
C TYR A 101 -3.48 -19.57 4.32
N CYS A 102 -4.40 -18.73 4.82
CA CYS A 102 -4.43 -18.36 6.22
C CYS A 102 -5.84 -18.51 6.79
N SER A 103 -5.92 -19.04 8.01
CA SER A 103 -7.21 -19.24 8.66
C SER A 103 -7.14 -18.64 10.07
N ASP A 104 -8.04 -17.71 10.37
CA ASP A 104 -8.08 -17.08 11.67
C ASP A 104 -8.82 -18.02 12.63
N HIS A 105 -8.46 -17.95 13.92
CA HIS A 105 -9.09 -18.78 14.95
C HIS A 105 -9.12 -18.00 16.27
N THR A 106 -10.27 -17.43 16.61
CA THR A 106 -10.35 -16.67 17.86
C THR A 106 -10.04 -17.56 19.05
N GLY A 107 -9.37 -17.00 20.05
CA GLY A 107 -9.02 -17.76 21.23
C GLY A 107 -7.73 -18.53 21.04
N THR A 108 -7.36 -18.75 19.78
CA THR A 108 -6.15 -19.48 19.45
C THR A 108 -5.39 -18.85 18.29
N LYS A 109 -4.14 -19.26 18.13
CA LYS A 109 -3.29 -18.74 17.06
C LYS A 109 -3.86 -19.07 15.69
N ARG A 110 -3.71 -18.15 14.76
CA ARG A 110 -4.19 -18.36 13.40
C ARG A 110 -3.41 -19.55 12.85
N SER A 111 -3.92 -20.17 11.79
CA SER A 111 -3.23 -21.32 11.20
C SER A 111 -3.03 -21.08 9.71
N CYS A 112 -1.95 -21.66 9.18
CA CYS A 112 -1.63 -21.53 7.77
C CYS A 112 -1.89 -22.86 7.06
N ARG A 113 -2.25 -22.80 5.79
CA ARG A 113 -2.53 -23.99 5.00
C ARG A 113 -1.93 -23.84 3.60
N CYS A 114 -2.10 -24.85 2.75
CA CYS A 114 -1.56 -24.80 1.39
C CYS A 114 -2.54 -25.30 0.35
N HIS A 115 -2.29 -24.92 -0.89
CA HIS A 115 -3.11 -25.30 -2.02
C HIS A 115 -2.83 -26.78 -2.29
N GLU A 116 -3.71 -27.43 -3.04
CA GLU A 116 -3.50 -28.83 -3.36
C GLU A 116 -2.17 -28.84 -4.12
N GLY A 117 -1.39 -29.90 -3.94
CA GLY A 117 -0.10 -29.99 -4.62
C GLY A 117 1.04 -29.52 -3.74
N TYR A 118 0.71 -28.93 -2.61
CA TYR A 118 1.71 -28.44 -1.67
C TYR A 118 1.39 -28.93 -0.27
N SER A 119 2.36 -28.80 0.64
CA SER A 119 2.17 -29.23 2.02
C SER A 119 2.88 -28.24 2.92
N LEU A 120 2.31 -28.04 4.11
CA LEU A 120 2.85 -27.13 5.10
C LEU A 120 4.11 -27.67 5.76
N LEU A 121 5.14 -26.84 5.85
CA LEU A 121 6.40 -27.23 6.46
C LEU A 121 6.30 -27.18 7.99
N ALA A 122 7.38 -27.56 8.66
CA ALA A 122 7.40 -27.56 10.12
C ALA A 122 7.41 -26.16 10.72
N ASP A 123 7.73 -25.16 9.92
CA ASP A 123 7.77 -23.80 10.41
C ASP A 123 6.33 -23.28 10.55
N GLY A 124 5.36 -24.13 10.25
CA GLY A 124 3.96 -23.75 10.35
C GLY A 124 3.43 -22.69 9.40
N VAL A 125 4.27 -22.19 8.49
CA VAL A 125 3.84 -21.15 7.54
C VAL A 125 4.27 -21.33 6.08
N SER A 126 5.26 -22.18 5.82
CA SER A 126 5.72 -22.41 4.45
C SER A 126 5.09 -23.60 3.76
N CYS A 127 4.98 -23.50 2.44
CA CYS A 127 4.40 -24.57 1.65
C CYS A 127 5.42 -25.09 0.65
N THR A 128 5.51 -26.41 0.53
CA THR A 128 6.45 -27.02 -0.39
C THR A 128 5.67 -27.97 -1.31
N PRO A 129 6.10 -28.07 -2.58
CA PRO A 129 5.47 -28.94 -3.59
C PRO A 129 5.47 -30.43 -3.25
N THR A 130 4.37 -31.10 -3.56
CA THR A 130 4.27 -32.54 -3.29
C THR A 130 4.16 -33.31 -4.60
N VAL A 131 4.22 -32.58 -5.70
CA VAL A 131 4.12 -33.20 -7.03
C VAL A 131 5.23 -32.60 -7.89
N GLU A 132 5.47 -33.18 -9.05
CA GLU A 132 6.51 -32.68 -9.95
C GLU A 132 6.18 -31.30 -10.53
N TYR A 133 4.92 -31.12 -10.89
CA TYR A 133 4.49 -29.85 -11.46
C TYR A 133 3.35 -29.21 -10.69
N PRO A 134 3.65 -28.56 -9.55
CA PRO A 134 2.58 -27.91 -8.78
C PRO A 134 2.03 -26.72 -9.55
N CYS A 135 0.80 -26.33 -9.25
CA CYS A 135 0.20 -25.19 -9.93
C CYS A 135 0.93 -23.93 -9.51
N GLY A 136 0.85 -22.89 -10.34
CA GLY A 136 1.46 -21.62 -10.00
C GLY A 136 2.98 -21.51 -9.94
N LYS A 137 3.71 -22.44 -10.55
CA LYS A 137 5.16 -22.38 -10.59
C LYS A 137 5.61 -22.44 -12.05
N ILE A 138 6.70 -21.76 -12.38
CA ILE A 138 7.22 -21.76 -13.75
C ILE A 138 8.51 -22.57 -13.84
N PRO A 139 8.40 -23.82 -14.32
CA PRO A 139 9.50 -24.77 -14.49
C PRO A 139 10.80 -24.24 -15.11
N ILE A 140 10.69 -23.64 -16.30
CA ILE A 140 11.87 -23.12 -16.98
C ILE A 140 12.61 -22.05 -16.21
N LEU A 141 12.08 -21.63 -15.07
CA LEU A 141 12.73 -20.61 -14.27
C LEU A 141 13.19 -21.17 -12.92
N GLU A 142 12.45 -22.15 -12.40
CA GLU A 142 12.80 -22.76 -11.12
C GLU A 142 14.24 -23.29 -11.18
N ILE B 1 -2.92 -8.03 -26.98
CA ILE B 1 -2.22 -7.28 -25.90
C ILE B 1 -1.61 -6.02 -26.49
N VAL B 2 -1.87 -4.88 -25.87
CA VAL B 2 -1.31 -3.61 -26.37
C VAL B 2 -0.21 -3.10 -25.42
N GLY B 3 0.96 -2.83 -25.97
CA GLY B 3 2.06 -2.32 -25.17
C GLY B 3 2.76 -3.33 -24.26
N GLY B 4 2.56 -4.61 -24.53
CA GLY B 4 3.19 -5.62 -23.70
C GLY B 4 4.48 -6.10 -24.32
N LYS B 5 4.93 -7.27 -23.90
CA LYS B 5 6.16 -7.86 -24.43
C LYS B 5 5.88 -9.30 -24.79
N VAL B 6 6.80 -9.94 -25.52
CA VAL B 6 6.58 -11.33 -25.89
C VAL B 6 6.78 -12.16 -24.61
N CYS B 7 5.92 -13.14 -24.35
CA CYS B 7 6.09 -13.94 -23.15
C CYS B 7 7.12 -15.00 -23.53
N PRO B 8 8.30 -14.99 -22.86
CA PRO B 8 9.33 -15.98 -23.18
C PRO B 8 8.74 -17.40 -23.17
N LYS B 9 9.09 -18.20 -24.17
CA LYS B 9 8.59 -19.55 -24.28
C LYS B 9 8.68 -20.33 -22.97
N GLY B 10 7.55 -20.83 -22.51
CA GLY B 10 7.52 -21.58 -21.27
C GLY B 10 7.25 -20.74 -20.03
N GLU B 11 7.23 -19.42 -20.19
CA GLU B 11 7.01 -18.54 -19.04
C GLU B 11 5.56 -18.16 -18.72
N CYS B 12 4.63 -18.62 -19.57
CA CYS B 12 3.19 -18.38 -19.44
C CYS B 12 2.60 -19.77 -19.70
N PRO B 13 3.12 -20.79 -18.99
CA PRO B 13 2.72 -22.20 -19.08
C PRO B 13 1.26 -22.57 -18.89
N TRP B 14 0.50 -21.69 -18.26
CA TRP B 14 -0.92 -21.95 -18.03
C TRP B 14 -1.81 -21.31 -19.11
N GLN B 15 -1.18 -20.61 -20.06
CA GLN B 15 -1.94 -19.97 -21.12
C GLN B 15 -2.51 -21.02 -22.05
N VAL B 16 -3.78 -20.83 -22.40
CA VAL B 16 -4.49 -21.74 -23.28
C VAL B 16 -4.99 -20.97 -24.49
N LEU B 17 -5.00 -21.63 -25.64
CA LEU B 17 -5.49 -21.04 -26.88
C LEU B 17 -6.68 -21.89 -27.26
N LEU B 18 -7.82 -21.25 -27.49
CA LEU B 18 -9.02 -21.99 -27.86
C LEU B 18 -9.29 -21.80 -29.34
N LEU B 19 -9.65 -22.90 -30.00
CA LEU B 19 -9.95 -22.91 -31.43
C LEU B 19 -11.31 -23.52 -31.70
N VAL B 20 -12.00 -23.01 -32.72
CA VAL B 20 -13.31 -23.52 -33.10
C VAL B 20 -13.16 -23.76 -34.60
N ASN B 21 -13.21 -25.03 -34.98
CA ASN B 21 -13.06 -25.40 -36.38
C ASN B 21 -11.69 -24.94 -36.88
N GLY B 22 -10.69 -25.07 -36.01
CA GLY B 22 -9.32 -24.69 -36.37
C GLY B 22 -8.89 -23.24 -36.29
N ALA B 23 -9.85 -22.32 -36.17
CA ALA B 23 -9.51 -20.91 -36.09
C ALA B 23 -9.46 -20.39 -34.65
N GLN B 24 -8.57 -19.42 -34.43
CA GLN B 24 -8.38 -18.80 -33.13
C GLN B 24 -9.70 -18.21 -32.61
N LEU B 25 -10.14 -18.68 -31.45
CA LEU B 25 -11.38 -18.18 -30.85
C LEU B 25 -11.17 -17.24 -29.67
N CYS B 26 -10.46 -17.73 -28.66
CA CYS B 26 -10.18 -16.97 -27.46
C CYS B 26 -9.00 -17.56 -26.68
N GLY B 27 -8.70 -16.93 -25.55
CA GLY B 27 -7.64 -17.41 -24.70
C GLY B 27 -8.33 -18.16 -23.57
N GLY B 28 -7.56 -18.80 -22.70
CA GLY B 28 -8.10 -19.54 -21.58
C GLY B 28 -6.99 -19.74 -20.57
N THR B 29 -7.32 -20.32 -19.42
CA THR B 29 -6.34 -20.57 -18.37
C THR B 29 -6.50 -21.99 -17.82
N LEU B 30 -5.42 -22.76 -17.84
CA LEU B 30 -5.42 -24.13 -17.34
C LEU B 30 -5.32 -24.10 -15.81
N ILE B 31 -6.22 -24.75 -15.09
CA ILE B 31 -6.12 -24.73 -13.63
C ILE B 31 -5.78 -26.07 -12.97
N ASN B 32 -5.79 -27.13 -13.78
CA ASN B 32 -5.47 -28.48 -13.37
C ASN B 32 -5.38 -29.26 -14.69
N THR B 33 -5.13 -30.57 -14.66
CA THR B 33 -5.03 -31.33 -15.91
C THR B 33 -6.23 -31.47 -16.82
N ILE B 34 -7.44 -31.26 -16.31
CA ILE B 34 -8.60 -31.39 -17.17
C ILE B 34 -9.47 -30.14 -17.29
N TRP B 35 -9.28 -29.17 -16.41
CA TRP B 35 -10.11 -27.97 -16.51
C TRP B 35 -9.43 -26.67 -16.93
N VAL B 36 -10.13 -25.94 -17.80
CA VAL B 36 -9.67 -24.66 -18.33
C VAL B 36 -10.72 -23.58 -18.04
N VAL B 37 -10.29 -22.44 -17.52
CA VAL B 37 -11.23 -21.36 -17.23
C VAL B 37 -11.06 -20.33 -18.34
N SER B 38 -12.18 -19.89 -18.90
CA SER B 38 -12.16 -18.91 -19.97
C SER B 38 -13.31 -17.92 -19.78
N ALA B 39 -13.72 -17.22 -20.83
CA ALA B 39 -14.81 -16.25 -20.69
C ALA B 39 -16.08 -16.70 -21.40
N ALA B 40 -17.22 -16.52 -20.74
CA ALA B 40 -18.50 -16.91 -21.31
C ALA B 40 -18.85 -16.31 -22.67
N HIS B 41 -18.54 -15.03 -22.85
CA HIS B 41 -18.84 -14.35 -24.11
C HIS B 41 -18.11 -14.92 -25.33
N CYS B 42 -17.08 -15.71 -25.07
CA CYS B 42 -16.30 -16.32 -26.15
C CYS B 42 -17.12 -17.34 -26.92
N PHE B 43 -18.19 -17.83 -26.30
CA PHE B 43 -19.05 -18.83 -26.93
C PHE B 43 -20.41 -18.33 -27.39
N ASP B 44 -20.57 -17.01 -27.52
CA ASP B 44 -21.83 -16.42 -27.95
C ASP B 44 -22.27 -16.82 -29.35
N LYS B 45 -21.32 -16.92 -30.26
CA LYS B 45 -21.64 -17.28 -31.65
C LYS B 45 -21.19 -18.67 -32.06
N ILE B 46 -20.99 -19.55 -31.09
CA ILE B 46 -20.55 -20.91 -31.41
C ILE B 46 -21.73 -21.73 -31.89
N LYS B 47 -21.55 -22.44 -32.99
CA LYS B 47 -22.61 -23.26 -33.52
C LYS B 47 -22.19 -24.73 -33.57
N ASN B 48 -20.90 -24.97 -33.82
CA ASN B 48 -20.35 -26.32 -33.88
C ASN B 48 -19.63 -26.63 -32.58
N TRP B 49 -20.42 -26.97 -31.57
CA TRP B 49 -19.89 -27.30 -30.24
C TRP B 49 -18.95 -28.48 -30.14
N ARG B 50 -18.87 -29.27 -31.20
CA ARG B 50 -17.99 -30.43 -31.19
C ARG B 50 -16.64 -30.16 -31.84
N ASN B 51 -16.47 -28.95 -32.36
CA ASN B 51 -15.23 -28.53 -33.02
C ASN B 51 -14.42 -27.55 -32.18
N LEU B 52 -14.54 -27.66 -30.87
CA LEU B 52 -13.84 -26.81 -29.92
C LEU B 52 -12.54 -27.48 -29.46
N ILE B 53 -11.42 -26.84 -29.74
CA ILE B 53 -10.12 -27.36 -29.35
C ILE B 53 -9.32 -26.44 -28.43
N ALA B 54 -8.69 -27.02 -27.41
CA ALA B 54 -7.88 -26.25 -26.47
C ALA B 54 -6.41 -26.63 -26.72
N VAL B 55 -5.56 -25.64 -26.93
CA VAL B 55 -4.15 -25.90 -27.16
C VAL B 55 -3.28 -25.39 -26.01
N LEU B 56 -2.51 -26.30 -25.41
CA LEU B 56 -1.63 -25.95 -24.31
C LEU B 56 -0.18 -26.00 -24.78
N GLY B 57 0.67 -25.21 -24.14
CA GLY B 57 2.08 -25.17 -24.50
C GLY B 57 2.35 -24.46 -25.81
N GLU B 58 1.38 -23.67 -26.27
CA GLU B 58 1.53 -22.91 -27.51
C GLU B 58 2.34 -21.65 -27.27
N HIS B 59 3.00 -21.15 -28.30
CA HIS B 59 3.80 -19.95 -28.16
C HIS B 59 3.79 -19.13 -29.43
N ASP B 60 4.27 -19.75 -30.51
CA ASP B 60 4.35 -19.14 -31.82
C ASP B 60 3.33 -19.85 -32.71
N LEU B 61 2.26 -19.14 -33.07
CA LEU B 61 1.23 -19.72 -33.91
C LEU B 61 1.70 -20.04 -35.32
N SER B 62 2.79 -19.43 -35.76
CA SER B 62 3.31 -19.68 -37.09
C SER B 62 4.10 -20.99 -37.24
N GLU B 63 4.34 -21.68 -36.13
CA GLU B 63 5.09 -22.94 -36.19
C GLU B 63 4.77 -23.90 -35.06
N HIS B 64 4.96 -25.19 -35.33
CA HIS B 64 4.68 -26.23 -34.35
C HIS B 64 5.95 -26.90 -33.83
N ASP B 65 5.99 -27.13 -32.52
CA ASP B 65 7.14 -27.78 -31.90
C ASP B 65 6.59 -28.86 -30.97
N GLY B 66 7.46 -29.73 -30.46
CA GLY B 66 6.99 -30.80 -29.61
C GLY B 66 6.40 -30.43 -28.27
N ASP B 67 6.26 -29.14 -27.96
CA ASP B 67 5.71 -28.77 -26.66
C ASP B 67 4.21 -28.55 -26.69
N GLU B 68 3.63 -28.42 -27.88
CA GLU B 68 2.21 -28.21 -28.03
C GLU B 68 1.39 -29.48 -27.82
N GLN B 69 0.28 -29.33 -27.09
CA GLN B 69 -0.64 -30.42 -26.79
C GLN B 69 -2.05 -29.91 -27.07
N SER B 70 -2.84 -30.67 -27.80
CA SER B 70 -4.21 -30.26 -28.12
C SER B 70 -5.18 -31.24 -27.48
N ARG B 71 -6.32 -30.73 -27.03
CA ARG B 71 -7.35 -31.56 -26.39
C ARG B 71 -8.72 -31.05 -26.82
N ARG B 72 -9.62 -31.98 -27.14
CA ARG B 72 -10.96 -31.62 -27.56
C ARG B 72 -11.68 -31.11 -26.30
N VAL B 73 -12.53 -30.12 -26.46
CA VAL B 73 -13.26 -29.57 -25.32
C VAL B 73 -14.56 -30.37 -25.20
N ALA B 74 -14.69 -31.12 -24.11
CA ALA B 74 -15.86 -31.95 -23.86
C ALA B 74 -17.08 -31.27 -23.25
N GLN B 75 -16.87 -30.18 -22.55
CA GLN B 75 -17.98 -29.48 -21.92
C GLN B 75 -17.64 -28.03 -21.68
N VAL B 76 -18.61 -27.14 -21.95
CA VAL B 76 -18.44 -25.71 -21.75
C VAL B 76 -19.50 -25.33 -20.73
N ILE B 77 -19.06 -24.98 -19.53
CA ILE B 77 -20.00 -24.61 -18.47
C ILE B 77 -20.01 -23.11 -18.18
N ILE B 78 -21.19 -22.51 -18.30
CA ILE B 78 -21.34 -21.09 -18.05
C ILE B 78 -22.49 -20.83 -17.08
N PRO B 79 -22.42 -19.74 -16.30
CA PRO B 79 -23.49 -19.43 -15.33
C PRO B 79 -24.80 -19.14 -16.05
N SER B 80 -25.90 -19.69 -15.54
CA SER B 80 -27.21 -19.47 -16.15
C SER B 80 -27.59 -18.00 -16.10
N THR B 81 -26.95 -17.23 -15.22
CA THR B 81 -27.24 -15.81 -15.09
C THR B 81 -26.62 -14.99 -16.23
N TYR B 82 -25.60 -15.54 -16.87
CA TYR B 82 -24.94 -14.84 -17.96
C TYR B 82 -25.88 -14.62 -19.14
N VAL B 83 -25.92 -13.41 -19.67
CA VAL B 83 -26.78 -13.08 -20.80
C VAL B 83 -25.92 -12.76 -22.01
N PRO B 84 -25.99 -13.58 -23.06
CA PRO B 84 -25.21 -13.36 -24.27
C PRO B 84 -25.39 -11.93 -24.77
N GLY B 85 -24.32 -11.34 -25.28
CA GLY B 85 -24.41 -9.98 -25.75
C GLY B 85 -24.14 -8.98 -24.64
N THR B 86 -24.04 -9.46 -23.39
CA THR B 86 -23.76 -8.56 -22.26
C THR B 86 -22.39 -8.87 -21.63
N THR B 87 -22.07 -8.19 -20.53
CA THR B 87 -20.78 -8.39 -19.87
C THR B 87 -20.72 -9.05 -18.50
N ASN B 88 -21.83 -9.08 -17.76
CA ASN B 88 -21.82 -9.70 -16.43
C ASN B 88 -21.65 -11.22 -16.44
N HIS B 89 -21.05 -11.75 -15.37
CA HIS B 89 -20.81 -13.19 -15.23
C HIS B 89 -20.11 -13.73 -16.45
N ASP B 90 -19.07 -13.03 -16.88
CA ASP B 90 -18.31 -13.43 -18.05
C ASP B 90 -17.25 -14.47 -17.71
N ILE B 91 -17.70 -15.69 -17.42
CA ILE B 91 -16.80 -16.78 -17.07
C ILE B 91 -17.32 -18.11 -17.63
N ALA B 92 -16.39 -19.01 -17.93
CA ALA B 92 -16.73 -20.32 -18.47
C ALA B 92 -15.74 -21.36 -17.96
N LEU B 93 -16.25 -22.52 -17.56
CA LEU B 93 -15.43 -23.62 -17.05
C LEU B 93 -15.47 -24.68 -18.14
N LEU B 94 -14.30 -25.04 -18.65
CA LEU B 94 -14.19 -26.04 -19.71
C LEU B 94 -13.56 -27.33 -19.27
N ARG B 95 -14.18 -28.43 -19.68
CA ARG B 95 -13.70 -29.77 -19.35
C ARG B 95 -13.03 -30.38 -20.58
N LEU B 96 -11.76 -30.74 -20.47
CA LEU B 96 -11.03 -31.34 -21.59
C LEU B 96 -11.39 -32.81 -21.65
N HIS B 97 -11.60 -33.34 -22.85
CA HIS B 97 -11.97 -34.75 -23.00
C HIS B 97 -10.92 -35.69 -22.44
N GLN B 98 -9.67 -35.25 -22.47
CA GLN B 98 -8.57 -36.03 -21.96
C GLN B 98 -7.63 -35.04 -21.31
N PRO B 99 -7.04 -35.42 -20.19
CA PRO B 99 -6.13 -34.48 -19.54
C PRO B 99 -4.88 -34.22 -20.35
N VAL B 100 -4.25 -33.09 -20.07
CA VAL B 100 -3.03 -32.73 -20.77
C VAL B 100 -1.94 -33.28 -19.84
N VAL B 101 -0.73 -33.39 -20.36
CA VAL B 101 0.39 -33.89 -19.57
C VAL B 101 1.16 -32.68 -19.07
N LEU B 102 1.35 -32.59 -17.76
CA LEU B 102 2.09 -31.45 -17.22
C LEU B 102 3.56 -31.60 -17.59
N THR B 103 4.15 -30.53 -18.12
CA THR B 103 5.55 -30.55 -18.51
C THR B 103 6.17 -29.21 -18.17
N ASP B 104 7.39 -29.00 -18.63
CA ASP B 104 8.07 -27.74 -18.36
C ASP B 104 7.39 -26.61 -19.11
N HIS B 105 6.58 -26.94 -20.11
CA HIS B 105 5.91 -25.90 -20.87
C HIS B 105 4.40 -25.88 -20.66
N VAL B 106 3.89 -26.81 -19.87
CA VAL B 106 2.46 -26.90 -19.62
C VAL B 106 2.22 -27.09 -18.13
N VAL B 107 1.79 -26.03 -17.46
CA VAL B 107 1.54 -26.06 -16.03
C VAL B 107 0.26 -25.29 -15.69
N PRO B 108 -0.56 -25.83 -14.78
CA PRO B 108 -1.80 -25.13 -14.42
C PRO B 108 -1.54 -23.95 -13.49
N LEU B 109 -2.42 -22.96 -13.53
CA LEU B 109 -2.30 -21.77 -12.69
C LEU B 109 -3.15 -22.15 -11.48
N CYS B 110 -2.76 -21.74 -10.28
CA CYS B 110 -3.53 -22.08 -9.09
C CYS B 110 -4.84 -21.31 -8.91
N LEU B 111 -5.93 -22.04 -8.71
CA LEU B 111 -7.24 -21.40 -8.48
C LEU B 111 -7.18 -21.19 -6.97
N PRO B 112 -7.29 -19.94 -6.50
CA PRO B 112 -7.22 -19.69 -5.05
C PRO B 112 -8.53 -19.83 -4.27
N GLU B 113 -8.42 -19.86 -2.95
CA GLU B 113 -9.62 -19.98 -2.13
C GLU B 113 -10.20 -18.58 -2.22
N ARG B 114 -11.49 -18.45 -1.97
CA ARG B 114 -12.16 -17.15 -2.03
C ARG B 114 -11.61 -16.10 -1.05
N THR B 115 -11.56 -16.42 0.24
CA THR B 115 -11.06 -15.45 1.21
C THR B 115 -9.62 -14.99 0.93
N PHE B 116 -8.72 -15.94 0.72
CA PHE B 116 -7.33 -15.60 0.44
C PHE B 116 -7.28 -14.62 -0.73
N SER B 117 -8.11 -14.87 -1.74
CA SER B 117 -8.15 -14.01 -2.92
C SER B 117 -8.71 -12.61 -2.66
N GLU B 118 -9.75 -12.53 -1.84
CA GLU B 118 -10.35 -11.24 -1.53
C GLU B 118 -9.57 -10.37 -0.56
N ARG B 119 -8.91 -10.97 0.42
CA ARG B 119 -8.17 -10.15 1.37
C ARG B 119 -6.68 -10.11 1.17
N THR B 120 -6.15 -10.96 0.30
CA THR B 120 -4.71 -10.93 0.07
C THR B 120 -4.31 -10.66 -1.37
N LEU B 121 -4.76 -11.51 -2.30
CA LEU B 121 -4.43 -11.34 -3.70
C LEU B 121 -5.01 -10.07 -4.31
N ALA B 122 -6.17 -9.63 -3.82
CA ALA B 122 -6.79 -8.41 -4.34
C ALA B 122 -6.00 -7.15 -4.06
N PHE B 123 -5.07 -7.24 -3.11
CA PHE B 123 -4.28 -6.06 -2.79
C PHE B 123 -2.85 -6.07 -3.28
N VAL B 124 -2.52 -7.08 -4.09
CA VAL B 124 -1.19 -7.20 -4.65
C VAL B 124 -1.40 -6.28 -5.87
N ARG B 125 -0.62 -5.20 -5.96
CA ARG B 125 -0.75 -4.24 -7.06
C ARG B 125 -0.76 -4.75 -8.51
N PHE B 126 0.38 -5.26 -8.98
CA PHE B 126 0.47 -5.75 -10.35
C PHE B 126 0.15 -7.21 -10.56
N SER B 127 -0.39 -7.50 -11.74
CA SER B 127 -0.75 -8.85 -12.14
C SER B 127 -0.47 -8.93 -13.64
N LEU B 128 -0.31 -10.14 -14.16
CA LEU B 128 -0.02 -10.31 -15.59
C LEU B 128 -1.21 -10.82 -16.37
N VAL B 129 -1.41 -10.23 -17.55
CA VAL B 129 -2.49 -10.60 -18.44
C VAL B 129 -1.78 -10.96 -19.75
N SER B 130 -2.29 -11.95 -20.46
CA SER B 130 -1.65 -12.33 -21.69
C SER B 130 -2.59 -12.84 -22.77
N GLY B 131 -2.04 -13.04 -23.96
CA GLY B 131 -2.83 -13.55 -25.07
C GLY B 131 -2.24 -13.27 -26.44
N TRP B 132 -2.91 -13.81 -27.45
CA TRP B 132 -2.52 -13.65 -28.84
C TRP B 132 -3.49 -12.67 -29.46
N GLY B 133 -4.06 -11.81 -28.61
CA GLY B 133 -5.03 -10.84 -29.07
C GLY B 133 -4.44 -9.73 -29.94
N GLN B 134 -5.27 -8.74 -30.25
CA GLN B 134 -4.83 -7.62 -31.07
C GLN B 134 -3.75 -6.79 -30.38
N LEU B 135 -2.76 -6.38 -31.18
CA LEU B 135 -1.64 -5.57 -30.69
C LEU B 135 -2.04 -4.10 -30.58
N LEU B 136 -3.10 -3.72 -31.29
CA LEU B 136 -3.60 -2.35 -31.28
C LEU B 136 -5.11 -2.41 -31.40
N ASP B 137 -5.79 -1.46 -30.76
CA ASP B 137 -7.25 -1.39 -30.77
C ASP B 137 -7.91 -2.00 -32.01
N ARG B 138 -7.49 -1.57 -33.19
CA ARG B 138 -8.08 -2.10 -34.41
C ARG B 138 -7.11 -2.95 -35.21
N GLY B 139 -5.88 -3.06 -34.72
CA GLY B 139 -4.84 -3.81 -35.41
C GLY B 139 -4.97 -5.32 -35.57
N ALA B 140 -3.86 -5.92 -36.00
CA ALA B 140 -3.79 -7.37 -36.22
C ALA B 140 -3.51 -8.10 -34.92
N THR B 141 -3.69 -9.42 -34.93
CA THR B 141 -3.45 -10.21 -33.74
C THR B 141 -1.98 -10.62 -33.68
N ALA B 142 -1.53 -11.07 -32.51
CA ALA B 142 -0.15 -11.47 -32.32
C ALA B 142 0.13 -12.92 -32.70
N LEU B 143 1.30 -13.13 -33.29
CA LEU B 143 1.71 -14.48 -33.70
C LEU B 143 2.39 -15.18 -32.52
N GLU B 144 3.06 -14.40 -31.68
CA GLU B 144 3.74 -14.95 -30.51
C GLU B 144 3.05 -14.43 -29.25
N LEU B 145 2.83 -15.32 -28.29
CA LEU B 145 2.18 -14.97 -27.03
C LEU B 145 2.73 -13.68 -26.41
N MET B 146 1.83 -12.73 -26.13
CA MET B 146 2.22 -11.46 -25.53
C MET B 146 1.75 -11.42 -24.07
N VAL B 147 2.55 -10.80 -23.21
CA VAL B 147 2.19 -10.72 -21.80
C VAL B 147 2.37 -9.26 -21.38
N LEU B 148 1.62 -8.84 -20.38
CA LEU B 148 1.67 -7.46 -19.89
C LEU B 148 1.37 -7.34 -18.40
N ASN B 149 2.05 -6.41 -17.73
CA ASN B 149 1.89 -6.15 -16.31
C ASN B 149 0.88 -5.01 -16.12
N VAL B 150 -0.17 -5.26 -15.35
CA VAL B 150 -1.17 -4.22 -15.12
C VAL B 150 -1.52 -4.10 -13.65
N PRO B 151 -1.76 -2.87 -13.19
CA PRO B 151 -2.12 -2.58 -11.80
C PRO B 151 -3.63 -2.65 -11.61
N ARG B 152 -4.05 -3.22 -10.48
CA ARG B 152 -5.46 -3.36 -10.17
C ARG B 152 -6.03 -2.12 -9.47
N LEU B 153 -7.32 -1.87 -9.66
CA LEU B 153 -7.96 -0.72 -9.03
C LEU B 153 -9.27 -1.11 -8.38
N MET B 154 -9.58 -0.53 -7.23
CA MET B 154 -10.85 -0.87 -6.60
C MET B 154 -11.85 -0.15 -7.50
N THR B 155 -13.04 -0.72 -7.65
CA THR B 155 -14.08 -0.16 -8.50
C THR B 155 -14.36 1.34 -8.33
N GLN B 156 -14.43 1.80 -7.08
CA GLN B 156 -14.69 3.20 -6.82
C GLN B 156 -13.67 4.07 -7.57
N ASP B 157 -12.38 3.73 -7.45
CA ASP B 157 -11.35 4.51 -8.14
C ASP B 157 -11.48 4.39 -9.65
N CYS B 158 -11.79 3.19 -10.13
CA CYS B 158 -11.96 2.98 -11.56
C CYS B 158 -13.02 3.93 -12.11
N LEU B 159 -14.15 4.01 -11.42
CA LEU B 159 -15.24 4.88 -11.84
C LEU B 159 -14.84 6.36 -11.82
N GLN B 160 -14.23 6.78 -10.72
CA GLN B 160 -13.81 8.17 -10.60
C GLN B 160 -12.71 8.57 -11.56
N GLN B 161 -11.92 7.60 -12.01
CA GLN B 161 -10.82 7.87 -12.93
C GLN B 161 -11.14 7.61 -14.40
N SER B 162 -12.31 7.05 -14.67
CA SER B 162 -12.67 6.77 -16.06
C SER B 162 -13.51 7.87 -16.66
N ARG B 163 -13.28 8.11 -17.94
CA ARG B 163 -14.01 9.14 -18.68
C ARG B 163 -15.45 8.66 -18.88
N LYS B 164 -16.40 9.43 -18.36
CA LYS B 164 -17.81 9.10 -18.49
C LYS B 164 -18.19 8.79 -19.93
N VAL B 165 -18.87 7.66 -20.14
CA VAL B 165 -19.27 7.27 -21.49
C VAL B 165 -20.76 6.96 -21.55
N GLY B 166 -21.40 7.41 -22.63
CA GLY B 166 -22.82 7.21 -22.85
C GLY B 166 -23.48 6.04 -22.15
N ASP B 167 -23.59 4.91 -22.84
CA ASP B 167 -24.23 3.74 -22.26
C ASP B 167 -23.26 2.61 -21.96
N SER B 168 -22.21 2.93 -21.22
CA SER B 168 -21.19 1.96 -20.85
C SER B 168 -21.76 0.95 -19.86
N PRO B 169 -21.28 -0.29 -19.92
CA PRO B 169 -21.76 -1.34 -19.01
C PRO B 169 -21.38 -1.00 -17.57
N ASN B 170 -22.18 -1.45 -16.61
CA ASN B 170 -21.87 -1.17 -15.22
C ASN B 170 -20.75 -2.10 -14.78
N ILE B 171 -19.92 -1.65 -13.85
CA ILE B 171 -18.83 -2.47 -13.36
C ILE B 171 -19.43 -3.11 -12.12
N THR B 172 -19.85 -4.37 -12.24
CA THR B 172 -20.47 -5.09 -11.12
C THR B 172 -19.46 -5.64 -10.12
N GLU B 173 -19.98 -6.36 -9.12
CA GLU B 173 -19.14 -6.95 -8.09
C GLU B 173 -18.43 -8.17 -8.68
N TYR B 174 -18.87 -8.59 -9.86
CA TYR B 174 -18.27 -9.74 -10.54
C TYR B 174 -17.19 -9.30 -11.54
N MET B 175 -16.75 -8.05 -11.38
CA MET B 175 -15.71 -7.48 -12.24
C MET B 175 -14.78 -6.58 -11.44
N PHE B 176 -13.68 -6.18 -12.07
CA PHE B 176 -12.70 -5.30 -11.46
C PHE B 176 -11.85 -4.73 -12.59
N CYS B 177 -11.37 -3.50 -12.41
CA CYS B 177 -10.54 -2.88 -13.43
C CYS B 177 -9.06 -3.05 -13.17
N ALA B 178 -8.29 -2.90 -14.25
CA ALA B 178 -6.85 -3.03 -14.16
C ALA B 178 -6.28 -2.41 -15.42
N GLY B 179 -5.09 -1.83 -15.30
CA GLY B 179 -4.48 -1.23 -16.46
C GLY B 179 -4.00 0.19 -16.25
N TYR B 180 -4.05 0.95 -17.34
CA TYR B 180 -3.62 2.34 -17.37
C TYR B 180 -4.65 3.11 -18.19
N SER B 181 -4.86 4.38 -17.83
CA SER B 181 -5.83 5.20 -18.55
C SER B 181 -5.14 6.21 -19.47
N ASP B 182 -3.84 6.03 -19.66
CA ASP B 182 -3.08 6.94 -20.51
C ASP B 182 -2.90 6.45 -21.95
N GLY B 183 -3.67 5.43 -22.34
CA GLY B 183 -3.60 4.88 -23.68
C GLY B 183 -2.32 4.18 -24.08
N SER B 184 -1.59 3.63 -23.11
CA SER B 184 -0.33 2.95 -23.43
C SER B 184 -0.30 1.42 -23.34
N LYS B 185 -1.03 0.87 -22.39
CA LYS B 185 -1.04 -0.58 -22.22
C LYS B 185 -2.40 -1.11 -21.80
N ASP B 186 -2.77 -2.29 -22.30
CA ASP B 186 -4.06 -2.87 -21.96
C ASP B 186 -4.20 -4.22 -22.67
N SER B 187 -5.18 -5.03 -22.26
CA SER B 187 -5.39 -6.32 -22.91
C SER B 187 -6.29 -5.87 -24.07
N CYS B 188 -6.67 -6.77 -24.97
CA CYS B 188 -7.51 -6.34 -26.07
C CYS B 188 -8.35 -7.47 -26.68
N LYS B 189 -9.11 -7.13 -27.73
CA LYS B 189 -9.96 -8.11 -28.40
C LYS B 189 -9.08 -9.29 -28.81
N GLY B 190 -9.55 -10.50 -28.58
CA GLY B 190 -8.76 -11.66 -28.92
C GLY B 190 -8.02 -12.21 -27.71
N ASP B 191 -7.85 -11.39 -26.68
CA ASP B 191 -7.19 -11.82 -25.45
C ASP B 191 -8.25 -12.37 -24.50
N SER B 192 -9.51 -12.02 -24.78
CA SER B 192 -10.65 -12.47 -23.97
C SER B 192 -10.54 -13.92 -23.50
N GLY B 193 -10.91 -14.18 -22.25
CA GLY B 193 -10.85 -15.54 -21.74
C GLY B 193 -9.49 -15.89 -21.15
N GLY B 194 -8.48 -15.09 -21.48
CA GLY B 194 -7.13 -15.31 -20.98
C GLY B 194 -6.94 -14.96 -19.51
N PRO B 195 -5.81 -15.37 -18.91
CA PRO B 195 -5.55 -15.07 -17.51
C PRO B 195 -5.01 -13.72 -17.10
N HIS B 196 -5.36 -13.37 -15.86
CA HIS B 196 -4.96 -12.14 -15.17
C HIS B 196 -4.40 -12.96 -14.01
N ALA B 197 -3.08 -13.15 -14.00
CA ALA B 197 -2.41 -13.92 -12.97
C ALA B 197 -1.66 -13.09 -11.96
N THR B 198 -1.89 -13.37 -10.67
CA THR B 198 -1.24 -12.66 -9.59
C THR B 198 -0.18 -13.48 -8.86
N HIS B 199 1.01 -12.89 -8.76
CA HIS B 199 2.17 -13.51 -8.10
C HIS B 199 2.12 -13.19 -6.60
N TYR B 200 2.25 -14.21 -5.75
CA TYR B 200 2.23 -14.00 -4.29
C TYR B 200 3.06 -15.01 -3.54
N ARG B 201 4.10 -14.52 -2.88
CA ARG B 201 5.00 -15.34 -2.09
C ARG B 201 5.38 -16.67 -2.76
N GLY B 202 5.90 -16.57 -3.98
CA GLY B 202 6.36 -17.76 -4.70
C GLY B 202 5.39 -18.60 -5.49
N THR B 203 4.12 -18.18 -5.59
CA THR B 203 3.15 -18.94 -6.34
C THR B 203 2.22 -18.02 -7.10
N TRP B 204 1.78 -18.48 -8.28
CA TRP B 204 0.88 -17.67 -9.10
C TRP B 204 -0.55 -18.16 -8.96
N TYR B 205 -1.50 -17.23 -9.00
CA TYR B 205 -2.91 -17.59 -8.87
C TYR B 205 -3.78 -16.89 -9.89
N LEU B 206 -4.89 -17.53 -10.22
CA LEU B 206 -5.82 -16.95 -11.18
C LEU B 206 -6.73 -15.97 -10.42
N THR B 207 -6.70 -14.70 -10.81
CA THR B 207 -7.53 -13.70 -10.14
C THR B 207 -8.50 -13.03 -11.10
N GLY B 208 -8.15 -13.02 -12.38
CA GLY B 208 -9.03 -12.39 -13.35
C GLY B 208 -9.05 -13.08 -14.71
N ILE B 209 -10.06 -12.75 -15.51
CA ILE B 209 -10.23 -13.28 -16.86
C ILE B 209 -10.39 -12.07 -17.79
N VAL B 210 -9.61 -12.01 -18.87
CA VAL B 210 -9.74 -10.88 -19.78
C VAL B 210 -11.20 -10.91 -20.21
N SER B 211 -11.94 -9.83 -19.95
CA SER B 211 -13.36 -9.78 -20.30
C SER B 211 -13.82 -8.71 -21.30
N TRP B 212 -13.66 -7.44 -20.97
CA TRP B 212 -14.07 -6.37 -21.86
C TRP B 212 -13.40 -5.03 -21.54
N GLY B 213 -13.82 -4.00 -22.27
CA GLY B 213 -13.27 -2.67 -22.08
C GLY B 213 -13.59 -1.75 -23.24
N GLN B 214 -13.49 -0.44 -23.02
CA GLN B 214 -13.74 0.56 -24.05
C GLN B 214 -12.58 0.49 -25.05
N GLY B 215 -12.84 -0.10 -26.21
CA GLY B 215 -11.78 -0.21 -27.18
C GLY B 215 -10.62 -0.88 -26.47
N CYS B 216 -9.40 -0.50 -26.83
CA CYS B 216 -8.21 -1.07 -26.21
C CYS B 216 -7.20 0.02 -25.94
N ALA B 217 -6.81 0.19 -24.67
CA ALA B 217 -5.84 1.22 -24.32
C ALA B 217 -6.39 2.58 -24.75
N THR B 218 -7.63 2.87 -24.38
CA THR B 218 -8.24 4.13 -24.75
C THR B 218 -8.08 5.10 -23.59
N VAL B 219 -7.55 6.28 -23.87
CA VAL B 219 -7.34 7.29 -22.83
C VAL B 219 -8.61 7.47 -22.01
N GLY B 220 -8.46 7.47 -20.69
CA GLY B 220 -9.61 7.63 -19.82
C GLY B 220 -10.36 6.37 -19.48
N HIS B 221 -9.79 5.22 -19.83
CA HIS B 221 -10.42 3.93 -19.58
C HIS B 221 -9.46 2.83 -19.12
N PHE B 222 -10.00 1.83 -18.46
CA PHE B 222 -9.22 0.70 -17.94
C PHE B 222 -9.79 -0.61 -18.47
N GLY B 223 -8.96 -1.64 -18.57
CA GLY B 223 -9.45 -2.92 -19.02
C GLY B 223 -10.33 -3.48 -17.90
N VAL B 224 -11.33 -4.28 -18.25
CA VAL B 224 -12.20 -4.84 -17.22
C VAL B 224 -12.06 -6.36 -17.21
N TYR B 225 -11.92 -6.91 -16.01
CA TYR B 225 -11.75 -8.35 -15.83
C TYR B 225 -12.78 -9.02 -14.95
N THR B 226 -13.09 -10.27 -15.26
CA THR B 226 -14.06 -11.02 -14.48
C THR B 226 -13.40 -11.33 -13.14
N ARG B 227 -14.10 -11.01 -12.06
CA ARG B 227 -13.63 -11.22 -10.69
C ARG B 227 -13.77 -12.70 -10.29
N VAL B 228 -12.75 -13.50 -10.61
CA VAL B 228 -12.75 -14.92 -10.29
C VAL B 228 -13.08 -15.31 -8.85
N SER B 229 -12.69 -14.47 -7.89
CA SER B 229 -12.96 -14.75 -6.48
C SER B 229 -14.43 -15.02 -6.18
N GLN B 230 -15.32 -14.45 -6.96
CA GLN B 230 -16.76 -14.62 -6.78
C GLN B 230 -17.32 -15.96 -7.29
N TYR B 231 -16.50 -16.71 -8.00
CA TYR B 231 -16.92 -18.00 -8.55
C TYR B 231 -16.15 -19.22 -8.07
N ILE B 232 -15.33 -19.05 -7.04
CA ILE B 232 -14.56 -20.17 -6.51
C ILE B 232 -15.44 -21.36 -6.14
N GLU B 233 -16.44 -21.11 -5.31
CA GLU B 233 -17.36 -22.16 -4.88
C GLU B 233 -18.06 -22.78 -6.09
N TRP B 234 -18.53 -21.91 -6.99
CA TRP B 234 -19.23 -22.35 -8.20
C TRP B 234 -18.35 -23.27 -9.07
N LEU B 235 -17.08 -22.90 -9.23
CA LEU B 235 -16.14 -23.68 -10.04
C LEU B 235 -15.79 -25.04 -9.42
N GLN B 236 -15.53 -25.05 -8.12
CA GLN B 236 -15.17 -26.29 -7.44
C GLN B 236 -16.29 -27.31 -7.52
N LYS B 237 -17.52 -26.89 -7.22
CA LYS B 237 -18.65 -27.80 -7.27
C LYS B 237 -18.79 -28.40 -8.68
N LEU B 238 -18.76 -27.55 -9.69
CA LEU B 238 -18.87 -28.01 -11.06
C LEU B 238 -17.74 -28.92 -11.52
N MET B 239 -16.54 -28.71 -11.03
CA MET B 239 -15.43 -29.57 -11.45
C MET B 239 -15.57 -30.97 -10.89
N ARG B 240 -16.46 -31.10 -9.91
CA ARG B 240 -16.72 -32.39 -9.27
C ARG B 240 -18.00 -32.99 -9.85
N SER B 241 -18.61 -32.26 -10.79
CA SER B 241 -19.83 -32.71 -11.43
C SER B 241 -19.57 -33.79 -12.46
N GLU B 242 -20.60 -34.56 -12.78
CA GLU B 242 -20.52 -35.64 -13.75
C GLU B 242 -20.74 -35.08 -15.14
N PRO B 243 -20.06 -35.64 -16.15
CA PRO B 243 -20.21 -35.19 -17.53
C PRO B 243 -21.65 -35.37 -18.01
N ARG B 244 -22.05 -34.56 -18.99
CA ARG B 244 -23.40 -34.64 -19.53
C ARG B 244 -23.37 -34.87 -21.04
N PRO B 245 -24.52 -35.27 -21.61
CA PRO B 245 -24.68 -35.53 -23.05
C PRO B 245 -24.19 -34.40 -23.94
N GLY B 246 -24.76 -33.21 -23.74
CA GLY B 246 -24.39 -32.06 -24.54
C GLY B 246 -23.15 -31.34 -24.04
N VAL B 247 -22.52 -30.58 -24.95
CA VAL B 247 -21.32 -29.83 -24.64
C VAL B 247 -21.64 -28.70 -23.68
N LEU B 248 -22.44 -27.76 -24.16
CA LEU B 248 -22.83 -26.61 -23.37
C LEU B 248 -23.75 -26.89 -22.19
N LEU B 249 -23.40 -26.31 -21.06
CA LEU B 249 -24.20 -26.49 -19.86
C LEU B 249 -24.35 -25.15 -19.17
N ARG B 250 -25.58 -24.67 -19.07
CA ARG B 250 -25.83 -23.40 -18.41
C ARG B 250 -26.17 -23.83 -16.99
N ALA B 251 -25.17 -23.69 -16.11
CA ALA B 251 -25.30 -24.07 -14.72
C ALA B 251 -25.74 -22.92 -13.84
N PRO B 252 -26.60 -23.21 -12.85
CA PRO B 252 -27.12 -22.21 -11.92
C PRO B 252 -26.04 -21.53 -11.10
N PHE B 253 -26.27 -20.26 -10.81
CA PHE B 253 -25.33 -19.49 -10.02
C PHE B 253 -26.16 -18.58 -9.13
N PRO B 254 -25.81 -18.50 -7.83
CA PRO B 254 -24.72 -19.18 -7.12
C PRO B 254 -24.77 -20.71 -7.16
N THR C 1 -23.73 2.38 6.60
CA THR C 1 -22.40 2.93 7.02
C THR C 1 -22.03 4.16 6.19
N VAL C 2 -21.09 4.94 6.71
CA VAL C 2 -20.62 6.14 6.02
C VAL C 2 -19.11 6.12 5.85
N ALA C 3 -18.64 6.67 4.73
CA ALA C 3 -17.22 6.70 4.44
C ALA C 3 -16.53 7.75 5.29
N ALA C 4 -15.29 7.49 5.69
CA ALA C 4 -14.55 8.43 6.51
C ALA C 4 -14.26 9.64 5.64
N TYR C 5 -14.12 10.80 6.26
CA TYR C 5 -13.85 12.02 5.51
C TYR C 5 -12.84 12.86 6.27
N ASN C 6 -12.34 13.91 5.62
CA ASN C 6 -11.36 14.80 6.21
C ASN C 6 -10.05 14.10 6.63
N LEU C 7 -9.63 13.13 5.84
CA LEU C 7 -8.39 12.41 6.16
C LEU C 7 -7.27 13.44 6.18
N THR C 8 -6.56 13.50 7.31
CA THR C 8 -5.46 14.45 7.49
C THR C 8 -4.17 13.80 7.97
N TRP C 9 -3.04 14.30 7.45
CA TRP C 9 -1.75 13.75 7.85
C TRP C 9 -1.15 14.57 8.99
N LYS C 10 -0.79 13.90 10.08
CA LYS C 10 -0.20 14.55 11.25
C LYS C 10 1.17 13.91 11.39
N SER C 11 2.21 14.67 11.04
CA SER C 11 3.57 14.14 11.12
C SER C 11 4.64 15.15 11.59
N THR C 12 5.42 14.73 12.57
CA THR C 12 6.50 15.56 13.12
C THR C 12 7.67 14.61 13.33
N ASN C 13 8.80 14.94 12.73
CA ASN C 13 10.01 14.12 12.85
C ASN C 13 9.73 12.67 12.44
N PHE C 14 8.84 12.54 11.46
CA PHE C 14 8.43 11.27 10.89
C PHE C 14 7.42 10.42 11.67
N LYS C 15 7.09 10.84 12.89
CA LYS C 15 6.11 10.08 13.66
C LYS C 15 4.90 10.55 12.86
N THR C 16 4.34 9.66 12.06
CA THR C 16 3.20 9.98 11.21
C THR C 16 1.88 9.33 11.55
N ILE C 17 0.86 10.17 11.77
CA ILE C 17 -0.46 9.69 12.12
C ILE C 17 -1.56 10.21 11.20
N LEU C 18 -2.34 9.29 10.64
CA LEU C 18 -3.44 9.66 9.74
C LEU C 18 -4.65 9.81 10.65
N GLU C 19 -5.40 10.89 10.47
CA GLU C 19 -6.59 11.11 11.30
C GLU C 19 -7.76 11.30 10.36
N TRP C 20 -8.97 11.03 10.85
CA TRP C 20 -10.14 11.18 10.01
C TRP C 20 -11.40 11.33 10.84
N GLU C 21 -12.52 11.50 10.15
CA GLU C 21 -13.80 11.66 10.79
C GLU C 21 -14.71 10.65 10.08
N PRO C 22 -15.84 10.28 10.68
CA PRO C 22 -16.33 10.76 11.99
C PRO C 22 -16.24 9.64 13.03
N LYS C 23 -16.71 9.94 14.24
CA LYS C 23 -16.69 8.95 15.30
C LYS C 23 -17.52 7.78 14.77
N PRO C 24 -16.99 6.56 14.92
CA PRO C 24 -17.69 5.35 14.45
C PRO C 24 -18.95 4.96 15.22
N VAL C 25 -20.05 4.86 14.48
CA VAL C 25 -21.33 4.49 15.04
C VAL C 25 -21.76 3.22 14.31
N ASN C 26 -21.69 2.11 15.02
CA ASN C 26 -22.05 0.81 14.46
C ASN C 26 -21.25 0.46 13.21
N GLN C 27 -19.96 0.75 13.26
CA GLN C 27 -19.03 0.47 12.16
C GLN C 27 -17.60 0.59 12.64
N VAL C 28 -16.71 -0.16 12.01
CA VAL C 28 -15.30 -0.13 12.37
C VAL C 28 -14.51 0.29 11.16
N TYR C 29 -13.21 0.47 11.35
CA TYR C 29 -12.32 0.90 10.28
C TYR C 29 -11.07 0.05 10.15
N THR C 30 -10.45 0.16 8.98
CA THR C 30 -9.22 -0.55 8.65
C THR C 30 -8.56 0.37 7.66
N VAL C 31 -7.26 0.61 7.86
CA VAL C 31 -6.50 1.48 6.99
C VAL C 31 -5.53 0.69 6.14
N GLN C 32 -5.30 1.19 4.92
CA GLN C 32 -4.37 0.56 4.01
C GLN C 32 -3.47 1.68 3.53
N ILE C 33 -2.19 1.37 3.36
CA ILE C 33 -1.24 2.36 2.91
C ILE C 33 -0.37 1.78 1.82
N SER C 34 -0.02 2.59 0.82
CA SER C 34 0.82 2.10 -0.27
C SER C 34 1.63 3.19 -0.97
N THR C 35 2.57 2.75 -1.80
CA THR C 35 3.43 3.65 -2.56
C THR C 35 2.83 3.48 -3.96
N LYS C 36 2.98 4.51 -4.80
CA LYS C 36 2.44 4.45 -6.15
C LYS C 36 2.44 3.08 -6.82
N SER C 37 3.57 2.38 -6.81
CA SER C 37 3.63 1.08 -7.45
C SER C 37 3.70 -0.15 -6.53
N GLY C 38 3.64 0.06 -5.22
CA GLY C 38 3.71 -1.05 -4.29
C GLY C 38 2.36 -1.63 -3.91
N ASP C 39 2.39 -2.75 -3.17
CA ASP C 39 1.16 -3.40 -2.74
C ASP C 39 0.53 -2.63 -1.58
N TRP C 40 -0.73 -2.90 -1.29
CA TRP C 40 -1.40 -2.21 -0.20
C TRP C 40 -1.16 -2.97 1.09
N LYS C 41 -0.79 -2.25 2.14
CA LYS C 41 -0.53 -2.86 3.45
C LYS C 41 -1.64 -2.42 4.40
N SER C 42 -2.21 -3.37 5.14
CA SER C 42 -3.28 -3.03 6.08
C SER C 42 -2.73 -2.69 7.48
N LYS C 43 -3.39 -1.74 8.14
CA LYS C 43 -2.99 -1.31 9.48
C LYS C 43 -4.23 -0.95 10.31
N CYS C 44 -4.05 -0.87 11.63
CA CYS C 44 -5.17 -0.53 12.52
C CYS C 44 -6.45 -1.28 12.14
N PHE C 45 -6.33 -2.60 12.10
CA PHE C 45 -7.42 -3.52 11.75
C PHE C 45 -8.72 -3.45 12.59
N TYR C 46 -9.82 -3.11 11.93
CA TYR C 46 -11.12 -3.00 12.57
C TYR C 46 -11.12 -2.15 13.83
N THR C 47 -10.29 -1.11 13.83
CA THR C 47 -10.21 -0.21 14.97
C THR C 47 -11.46 0.66 15.03
N THR C 48 -11.73 1.22 16.21
CA THR C 48 -12.90 2.09 16.37
C THR C 48 -12.37 3.51 16.53
N ASP C 49 -11.04 3.62 16.55
CA ASP C 49 -10.36 4.91 16.68
C ASP C 49 -10.53 5.70 15.38
N THR C 50 -10.26 6.99 15.44
CA THR C 50 -10.38 7.84 14.26
C THR C 50 -9.01 8.35 13.83
N GLU C 51 -7.99 7.54 14.09
CA GLU C 51 -6.60 7.86 13.74
C GLU C 51 -5.88 6.54 13.61
N CYS C 52 -4.73 6.56 12.95
CA CYS C 52 -3.94 5.35 12.75
C CYS C 52 -2.48 5.69 12.55
N ASP C 53 -1.65 5.14 13.43
CA ASP C 53 -0.21 5.37 13.35
C ASP C 53 0.35 4.60 12.17
N LEU C 54 0.94 5.33 11.23
CA LEU C 54 1.50 4.72 10.03
C LEU C 54 3.01 4.91 9.98
N THR C 55 3.56 5.33 11.12
CA THR C 55 4.98 5.58 11.25
C THR C 55 5.87 4.44 10.74
N ASP C 56 5.65 3.23 11.26
CA ASP C 56 6.46 2.10 10.84
C ASP C 56 6.44 1.79 9.35
N GLU C 57 5.44 2.30 8.63
CA GLU C 57 5.37 2.03 7.19
C GLU C 57 6.07 3.13 6.38
N ILE C 58 5.93 4.38 6.79
CA ILE C 58 6.59 5.46 6.04
C ILE C 58 8.09 5.55 6.29
N VAL C 59 8.54 5.17 7.48
CA VAL C 59 9.98 5.24 7.76
C VAL C 59 10.79 4.21 6.99
N LYS C 60 10.10 3.38 6.20
CA LYS C 60 10.79 2.36 5.42
C LYS C 60 11.51 3.05 4.27
N ASP C 61 10.99 4.23 3.90
CA ASP C 61 11.55 5.03 2.82
C ASP C 61 10.86 6.38 2.92
N VAL C 62 11.45 7.30 3.66
CA VAL C 62 10.89 8.63 3.84
C VAL C 62 10.77 9.45 2.56
N LYS C 63 11.54 9.11 1.53
CA LYS C 63 11.45 9.88 0.29
C LYS C 63 10.35 9.40 -0.65
N GLN C 64 9.75 8.25 -0.34
CA GLN C 64 8.67 7.74 -1.18
C GLN C 64 7.42 8.56 -0.94
N THR C 65 6.45 8.42 -1.83
CA THR C 65 5.18 9.15 -1.72
C THR C 65 4.12 8.10 -1.42
N TYR C 66 3.42 8.26 -0.30
CA TYR C 66 2.38 7.29 0.07
C TYR C 66 0.94 7.77 -0.04
N LEU C 67 0.04 6.81 -0.23
CA LEU C 67 -1.36 7.11 -0.36
C LEU C 67 -2.02 6.16 0.63
N ALA C 68 -2.97 6.68 1.39
CA ALA C 68 -3.66 5.86 2.37
C ALA C 68 -5.14 5.85 2.03
N ARG C 69 -5.85 4.85 2.54
CA ARG C 69 -7.28 4.71 2.29
C ARG C 69 -7.92 4.20 3.58
N VAL C 70 -9.06 4.78 3.92
CA VAL C 70 -9.78 4.39 5.12
C VAL C 70 -11.08 3.66 4.79
N PHE C 71 -11.10 2.36 5.04
CA PHE C 71 -12.28 1.54 4.76
C PHE C 71 -13.26 1.57 5.93
N SER C 72 -14.55 1.51 5.61
CA SER C 72 -15.59 1.50 6.62
C SER C 72 -16.28 0.14 6.56
N TYR C 73 -16.37 -0.53 7.70
CA TYR C 73 -17.00 -1.85 7.77
C TYR C 73 -18.17 -1.82 8.75
N PRO C 74 -19.29 -2.42 8.37
CA PRO C 74 -20.48 -2.47 9.22
C PRO C 74 -20.31 -3.46 10.38
N ALA C 75 -20.96 -3.15 11.51
CA ALA C 75 -20.92 -3.98 12.72
C ALA C 75 -19.86 -3.47 13.69
N GLU D 1 -16.96 -4.59 -2.66
CA GLU D 1 -15.91 -3.79 -1.99
C GLU D 1 -16.56 -2.78 -1.04
N PRO D 2 -16.00 -2.63 0.17
CA PRO D 2 -16.52 -1.70 1.18
C PRO D 2 -16.37 -0.23 0.80
N LEU D 3 -17.03 0.64 1.56
CA LEU D 3 -16.95 2.07 1.30
C LEU D 3 -15.61 2.50 1.86
N TYR D 4 -14.95 3.41 1.15
CA TYR D 4 -13.65 3.88 1.60
C TYR D 4 -13.40 5.28 1.04
N GLU D 5 -12.34 5.92 1.52
CA GLU D 5 -11.97 7.25 1.10
C GLU D 5 -10.45 7.34 1.02
N ASN D 6 -9.93 7.99 -0.03
CA ASN D 6 -8.49 8.12 -0.19
C ASN D 6 -8.00 9.36 0.54
N SER D 7 -6.77 9.29 1.02
CA SER D 7 -6.16 10.41 1.74
C SER D 7 -5.34 11.22 0.76
N PRO D 8 -4.92 12.42 1.17
CA PRO D 8 -4.11 13.14 0.18
C PRO D 8 -2.77 12.39 0.13
N GLU D 9 -1.97 12.64 -0.91
CA GLU D 9 -0.68 11.97 -1.03
C GLU D 9 0.22 12.53 0.06
N PHE D 10 1.18 11.72 0.53
CA PHE D 10 2.09 12.16 1.57
C PHE D 10 3.54 11.75 1.33
N THR D 11 4.42 12.75 1.25
CA THR D 11 5.83 12.48 1.02
C THR D 11 6.56 12.97 2.28
N PRO D 12 6.85 12.04 3.21
CA PRO D 12 7.52 12.26 4.50
C PRO D 12 8.67 13.26 4.51
N TYR D 13 9.73 12.95 3.77
CA TYR D 13 10.91 13.79 3.67
C TYR D 13 10.59 15.26 3.36
N LEU D 14 9.54 15.49 2.58
CA LEU D 14 9.14 16.84 2.20
C LEU D 14 8.03 17.50 3.01
N GLU D 15 7.22 16.69 3.69
CA GLU D 15 6.12 17.25 4.48
C GLU D 15 6.15 17.13 5.99
N THR D 16 6.82 16.11 6.52
CA THR D 16 6.88 15.93 7.97
C THR D 16 7.36 17.23 8.62
N ASN D 17 6.71 17.61 9.72
CA ASN D 17 7.09 18.83 10.41
C ASN D 17 8.43 18.60 11.11
N LEU D 18 9.21 19.67 11.27
CA LEU D 18 10.50 19.56 11.94
C LEU D 18 10.20 19.82 13.41
N GLY D 19 10.72 18.97 14.29
CA GLY D 19 10.46 19.13 15.71
C GLY D 19 11.17 20.28 16.39
N GLN D 20 10.69 20.62 17.59
CA GLN D 20 11.30 21.70 18.35
C GLN D 20 12.67 21.26 18.81
N PRO D 21 13.69 22.07 18.53
CA PRO D 21 15.04 21.70 18.95
C PRO D 21 15.32 22.23 20.35
N THR D 22 16.43 21.80 20.93
CA THR D 22 16.77 22.27 22.26
C THR D 22 18.25 22.57 22.26
N ILE D 23 18.62 23.69 22.88
CA ILE D 23 20.02 24.08 22.95
C ILE D 23 20.66 23.16 23.98
N GLN D 24 21.62 22.36 23.54
CA GLN D 24 22.31 21.43 24.42
C GLN D 24 23.24 22.18 25.38
N SER D 25 24.01 23.13 24.86
CA SER D 25 24.92 23.88 25.70
C SER D 25 25.49 25.13 25.04
N PHE D 26 26.28 25.88 25.81
CA PHE D 26 26.90 27.09 25.33
C PHE D 26 28.03 27.50 26.27
N GLU D 27 29.19 27.80 25.72
CA GLU D 27 30.33 28.19 26.54
C GLU D 27 31.13 29.30 25.85
N GLN D 28 31.96 29.98 26.63
CA GLN D 28 32.78 31.05 26.09
C GLN D 28 34.20 30.59 25.88
N VAL D 29 34.78 30.99 24.77
CA VAL D 29 36.16 30.63 24.44
C VAL D 29 36.84 31.94 24.09
N GLY D 30 36.97 32.79 25.11
CA GLY D 30 37.61 34.08 24.90
C GLY D 30 36.57 35.14 24.60
N THR D 31 36.57 35.63 23.37
CA THR D 31 35.61 36.65 22.97
C THR D 31 34.47 36.06 22.17
N LYS D 32 34.52 34.75 21.95
CA LYS D 32 33.47 34.08 21.17
C LYS D 32 32.71 33.09 22.03
N VAL D 33 31.50 32.76 21.59
CA VAL D 33 30.67 31.82 22.31
C VAL D 33 30.22 30.71 21.37
N ASN D 34 30.21 29.49 21.88
CA ASN D 34 29.79 28.35 21.08
C ASN D 34 28.41 27.91 21.53
N VAL D 35 27.51 27.71 20.59
CA VAL D 35 26.14 27.28 20.89
C VAL D 35 25.89 25.93 20.22
N THR D 36 25.70 24.89 21.02
CA THR D 36 25.46 23.55 20.49
C THR D 36 24.00 23.12 20.53
N VAL D 37 23.48 22.71 19.37
CA VAL D 37 22.10 22.25 19.26
C VAL D 37 22.09 20.74 19.50
N GLU D 38 21.16 20.29 20.32
CA GLU D 38 21.05 18.88 20.63
C GLU D 38 20.62 18.12 19.38
N ASP D 39 21.09 16.88 19.23
CA ASP D 39 20.71 16.11 18.05
C ASP D 39 19.23 15.86 18.23
N GLU D 40 18.46 16.13 17.19
CA GLU D 40 17.03 15.91 17.26
C GLU D 40 16.74 14.53 16.67
N ARG D 41 16.39 13.56 17.52
CA ARG D 41 16.11 12.22 17.00
C ARG D 41 14.74 12.11 16.35
N THR D 42 14.65 11.22 15.37
CA THR D 42 13.42 10.99 14.64
C THR D 42 12.93 9.55 14.83
N LEU D 43 11.83 9.24 14.17
CA LEU D 43 11.25 7.91 14.27
C LEU D 43 11.93 6.95 13.30
N VAL D 44 12.75 7.50 12.40
CA VAL D 44 13.47 6.69 11.43
C VAL D 44 14.53 5.90 12.19
N ARG D 45 14.56 4.60 11.99
CA ARG D 45 15.56 3.78 12.68
C ARG D 45 16.53 3.18 11.69
N ARG D 46 17.79 3.10 12.09
CA ARG D 46 18.80 2.53 11.22
C ARG D 46 19.36 1.32 11.95
N ASN D 47 18.58 0.25 11.93
CA ASN D 47 18.95 -1.00 12.57
C ASN D 47 19.11 -0.84 14.09
N ASN D 48 17.97 -0.72 14.77
CA ASN D 48 17.97 -0.56 16.23
C ASN D 48 18.69 0.70 16.69
N THR D 49 18.09 1.84 16.41
CA THR D 49 18.65 3.13 16.78
C THR D 49 17.95 4.24 16.00
N PHE D 50 17.46 5.25 16.72
CA PHE D 50 16.77 6.37 16.08
C PHE D 50 17.76 7.36 15.48
N LEU D 51 17.58 7.65 14.19
CA LEU D 51 18.44 8.58 13.48
C LEU D 51 18.07 10.01 13.83
N SER D 52 19.06 10.90 13.82
CA SER D 52 18.84 12.31 14.12
C SER D 52 18.29 12.98 12.88
N LEU D 53 17.78 14.20 13.03
CA LEU D 53 17.23 14.89 11.88
C LEU D 53 18.34 15.08 10.84
N ARG D 54 19.56 15.37 11.30
CA ARG D 54 20.68 15.58 10.39
C ARG D 54 21.10 14.27 9.71
N ASP D 55 20.89 13.15 10.40
CA ASP D 55 21.24 11.85 9.84
C ASP D 55 20.36 11.64 8.62
N VAL D 56 19.13 12.13 8.72
CA VAL D 56 18.17 11.99 7.63
C VAL D 56 18.28 13.03 6.52
N PHE D 57 18.36 14.32 6.90
CA PHE D 57 18.45 15.38 5.92
C PHE D 57 19.87 15.75 5.47
N GLY D 58 20.84 15.49 6.34
CA GLY D 58 22.20 15.85 5.98
C GLY D 58 22.21 17.31 5.56
N LYS D 59 22.89 17.60 4.46
CA LYS D 59 22.99 18.96 3.94
C LYS D 59 21.66 19.66 3.69
N ASP D 60 20.58 18.89 3.62
CA ASP D 60 19.26 19.47 3.39
C ASP D 60 18.78 20.22 4.63
N LEU D 61 19.49 20.04 5.74
CA LEU D 61 19.15 20.68 6.99
C LEU D 61 20.15 21.64 7.57
N ILE D 62 19.64 22.76 8.08
CA ILE D 62 20.48 23.77 8.68
C ILE D 62 19.78 24.20 9.96
N TYR D 63 20.53 24.82 10.86
CA TYR D 63 20.00 25.29 12.12
C TYR D 63 20.28 26.80 12.17
N THR D 64 19.27 27.57 12.56
CA THR D 64 19.40 29.01 12.66
C THR D 64 19.42 29.40 14.13
N LEU D 65 20.27 30.36 14.47
CA LEU D 65 20.39 30.85 15.83
C LEU D 65 20.01 32.32 15.99
N TYR D 66 19.16 32.59 16.98
CA TYR D 66 18.70 33.94 17.27
C TYR D 66 19.37 34.33 18.58
N TYR D 67 20.13 35.42 18.57
CA TYR D 67 20.80 35.85 19.79
C TYR D 67 20.81 37.36 19.92
N TRP D 68 20.87 37.83 21.15
CA TRP D 68 20.89 39.26 21.45
C TRP D 68 21.55 39.51 22.80
N SER D 73 17.65 47.69 19.63
CA SER D 73 18.34 46.45 20.06
C SER D 73 17.64 45.24 19.45
N GLY D 74 17.71 45.11 18.13
CA GLY D 74 17.07 44.01 17.44
C GLY D 74 17.70 42.66 17.75
N LYS D 75 17.61 41.74 16.80
CA LYS D 75 18.17 40.41 16.97
C LYS D 75 19.36 40.17 16.06
N LYS D 76 20.14 39.15 16.39
CA LYS D 76 21.31 38.77 15.63
C LYS D 76 21.07 37.32 15.24
N THR D 77 21.17 37.02 13.95
CA THR D 77 20.96 35.64 13.51
C THR D 77 22.27 35.03 13.05
N ALA D 78 22.32 33.71 13.11
CA ALA D 78 23.49 32.94 12.72
C ALA D 78 22.91 31.64 12.18
N LYS D 79 23.59 31.06 11.19
CA LYS D 79 23.14 29.81 10.60
C LYS D 79 24.29 28.83 10.47
N THR D 80 23.99 27.54 10.62
CA THR D 80 25.03 26.51 10.52
C THR D 80 24.63 25.27 9.76
N ASN D 81 25.62 24.63 9.13
CA ASN D 81 25.39 23.41 8.37
C ASN D 81 25.56 22.22 9.32
N THR D 82 25.93 22.52 10.56
CA THR D 82 26.12 21.47 11.56
C THR D 82 25.11 21.73 12.68
N ASN D 83 25.46 21.35 13.90
CA ASN D 83 24.58 21.57 15.03
C ASN D 83 25.27 22.53 15.99
N GLU D 84 26.24 23.27 15.46
CA GLU D 84 26.98 24.22 16.28
C GLU D 84 27.20 25.59 15.66
N PHE D 85 27.14 26.60 16.51
CA PHE D 85 27.34 27.98 16.14
C PHE D 85 28.50 28.56 16.93
N LEU D 86 29.28 29.42 16.29
CA LEU D 86 30.43 30.04 16.94
C LEU D 86 30.22 31.53 16.61
N ILE D 87 29.70 32.29 17.57
CA ILE D 87 29.47 33.71 17.35
C ILE D 87 30.38 34.64 18.13
N ASP D 88 30.43 35.90 17.68
CA ASP D 88 31.24 36.93 18.32
C ASP D 88 30.32 37.60 19.33
N VAL D 89 30.84 37.86 20.52
CA VAL D 89 30.04 38.51 21.55
C VAL D 89 30.86 39.53 22.31
N ASP D 90 30.21 40.60 22.76
CA ASP D 90 30.90 41.64 23.50
C ASP D 90 31.15 41.16 24.92
N LYS D 91 32.37 41.36 25.39
CA LYS D 91 32.74 40.94 26.74
C LYS D 91 31.92 41.68 27.79
N GLY D 92 31.57 40.96 28.85
CA GLY D 92 30.78 41.55 29.93
C GLY D 92 29.29 41.64 29.70
N GLU D 93 28.84 41.14 28.54
CA GLU D 93 27.42 41.17 28.21
C GLU D 93 26.85 39.76 28.23
N ASN D 94 25.63 39.62 28.73
CA ASN D 94 24.98 38.32 28.79
C ASN D 94 23.96 38.22 27.67
N TYR D 95 24.15 37.26 26.77
CA TYR D 95 23.25 37.07 25.64
C TYR D 95 22.25 35.94 25.89
N CYS D 96 21.19 35.94 25.10
CA CYS D 96 20.15 34.93 25.19
C CYS D 96 20.11 34.22 23.84
N PHE D 97 19.74 32.95 23.84
CA PHE D 97 19.68 32.20 22.60
C PHE D 97 18.40 31.43 22.31
N SER D 98 18.17 31.18 21.03
CA SER D 98 17.01 30.45 20.54
C SER D 98 17.34 29.90 19.17
N VAL D 99 17.10 28.60 18.98
CA VAL D 99 17.39 27.99 17.69
C VAL D 99 16.15 27.48 16.99
N GLN D 100 16.28 27.30 15.68
CA GLN D 100 15.17 26.84 14.86
C GLN D 100 15.69 25.90 13.77
N ALA D 101 15.02 24.77 13.58
CA ALA D 101 15.42 23.79 12.56
C ALA D 101 14.89 24.26 11.21
N VAL D 102 15.73 24.24 10.19
CA VAL D 102 15.33 24.68 8.86
C VAL D 102 15.78 23.83 7.67
N ILE D 103 14.89 23.69 6.70
CA ILE D 103 15.16 22.94 5.48
C ILE D 103 14.83 23.98 4.42
N PRO D 104 15.82 24.82 4.07
CA PRO D 104 15.76 25.91 3.09
C PRO D 104 15.07 25.62 1.77
N SER D 105 15.28 24.42 1.25
CA SER D 105 14.68 24.02 -0.03
C SER D 105 13.16 23.90 0.01
N ARG D 106 12.59 23.70 1.19
CA ARG D 106 11.14 23.56 1.31
C ARG D 106 10.45 24.93 1.18
N THR D 107 9.29 24.93 0.53
CA THR D 107 8.52 26.15 0.33
C THR D 107 7.51 26.34 1.47
N VAL D 108 7.08 25.25 2.06
CA VAL D 108 6.12 25.27 3.16
C VAL D 108 6.66 24.40 4.28
N ASN D 109 6.25 24.66 5.51
CA ASN D 109 6.71 23.88 6.66
C ASN D 109 8.23 23.82 6.60
N ARG D 110 8.85 24.90 6.13
CA ARG D 110 10.30 24.93 6.05
C ARG D 110 11.01 25.12 7.38
N LYS D 111 10.28 25.53 8.41
CA LYS D 111 10.89 25.74 9.71
C LYS D 111 10.13 25.11 10.87
N SER D 112 10.87 24.74 11.91
CA SER D 112 10.28 24.15 13.10
C SER D 112 9.95 25.29 14.04
N THR D 113 9.40 24.96 15.20
CA THR D 113 9.05 25.99 16.17
C THR D 113 10.39 26.34 16.79
N ASP D 114 10.46 27.47 17.48
CA ASP D 114 11.71 27.88 18.12
C ASP D 114 11.97 27.05 19.36
N SER D 115 13.23 26.90 19.72
CA SER D 115 13.61 26.13 20.91
C SER D 115 13.37 27.01 22.12
N PRO D 116 13.38 26.42 23.32
CA PRO D 116 13.18 27.24 24.51
C PRO D 116 14.35 28.23 24.54
N VAL D 117 14.20 29.34 25.25
CA VAL D 117 15.27 30.31 25.31
C VAL D 117 16.26 30.01 26.42
N GLU D 118 17.53 30.32 26.17
CA GLU D 118 18.60 30.10 27.14
C GLU D 118 19.46 31.35 27.12
N CYS D 119 19.86 31.81 28.30
CA CYS D 119 20.70 33.00 28.39
C CYS D 119 21.94 32.71 29.22
N MET D 120 23.02 33.43 28.94
CA MET D 120 24.27 33.24 29.66
C MET D 120 24.11 33.58 31.15
C1 ASO E . -2.21 12.17 28.77
C2 ASO E . -2.36 11.32 27.52
C3 ASO E . -3.11 12.09 26.42
C4 ASO E . -2.31 13.36 26.02
C5 ASO E . -1.39 13.76 27.19
C6 ASO E . -0.98 15.19 27.11
O2 ASO E . -3.05 10.15 27.93
O3 ASO E . -4.33 12.55 26.98
O4 ASO E . -3.22 14.41 25.66
O5 ASO E . -2.00 13.56 28.45
O6 ASO E . -0.29 15.51 28.28
C1 FUC F . 14.84 5.77 25.11
C2 FUC F . 14.37 5.24 26.48
C3 FUC F . 13.30 4.14 26.52
C4 FUC F . 13.09 3.25 25.31
C5 FUC F . 12.07 3.87 24.34
C6 FUC F . 12.16 3.40 22.89
O1 FUC F . 13.78 6.12 24.25
O2 FUC F . 13.90 6.28 27.32
O3 FUC F . 13.71 3.30 27.60
O4 FUC F . 14.32 2.88 24.74
CA CA G . 5.11 22.20 25.00
CA CA H . 5.28 42.36 41.10
CA CA I . 12.69 40.44 41.50
CA CA J . 9.25 38.91 39.91
CA CA K . 11.34 34.12 47.64
CA CA L . 19.46 28.06 39.36
CA CA M . 14.86 30.30 43.18
CA CA N . 6.84 46.91 37.16
CA CA O . 1.56 -23.75 -33.25
N1 24X P . -12.23 -5.93 -25.37
C2 24X P . -11.37 -5.02 -24.74
C3 24X P . -10.60 -5.45 -23.63
C4 24X P . -10.64 -6.81 -23.17
C5 24X P . -11.51 -7.72 -23.83
C6 24X P . -12.32 -7.26 -24.89
C7 24X P . -14.01 -7.89 -26.61
N2 24X P . -13.16 -8.19 -25.46
C8 24X P . -15.10 -9.29 -28.98
C17 24X P . -15.64 -8.61 -30.11
C21 24X P . -14.96 -8.62 -31.32
C23 24X P . -13.74 -9.28 -31.47
C26 24X P . -13.17 -9.97 -30.38
C29 24X P . -13.85 -9.98 -29.13
C9 24X P . -13.26 -10.72 -28.01
O2 24X P . -12.09 -10.48 -27.64
O1 24X P . -13.96 -11.61 -27.51
C10 24X P . -13.13 -9.21 -32.82
N3 24X P . -12.32 -10.38 -33.21
O4 24X P . -13.29 -8.09 -33.66
C11 24X P . -11.32 -9.92 -34.19
C18 24X P . -10.00 -10.65 -33.91
C12 24X P . -9.47 -10.32 -32.52
C13 24X P . -10.22 -12.18 -34.11
C14 24X P . -9.70 -4.51 -22.93
N4 24X P . -9.13 -4.86 -21.74
N5 24X P . -9.46 -3.27 -23.48
C15 24X P . -17.88 -9.81 -26.56
C19 24X P . -17.39 -9.21 -25.39
C22 24X P . -16.13 -8.57 -25.40
C24 24X P . -15.37 -8.59 -26.61
C27 24X P . -15.85 -9.25 -27.76
C30 24X P . -17.13 -9.85 -27.75
C16 24X P . -17.50 -9.31 -22.82
C20 24X P . -18.28 -9.24 -24.15
#